data_6JYN
#
_entry.id   6JYN
#
_cell.length_a   69.936
_cell.length_b   122.935
_cell.length_c   83.280
_cell.angle_alpha   90.000
_cell.angle_beta   90.070
_cell.angle_gamma   90.000
#
_symmetry.space_group_name_H-M   'P 1 21 1'
#
loop_
_entity.id
_entity.type
_entity.pdbx_description
1 polymer 'human norovirus P domain protein'
2 branched beta-D-galactopyranose-(1-3)-2-acetamido-2-deoxy-beta-D-glucopyranose
3 water water
#
_entity_poly.entity_id   1
_entity_poly.type   'polypeptide(L)'
_entity_poly.pdbx_seq_one_letter_code
;TKPFTLPILTISELTNSRFPIPIEQLYTAPNENNVVQCQNGRCTLDGELQGTTQLLSSAVCSYRGRTVANSGDNWDQNLL
QLTYPSGASYDPTDEVPAPLGTQDFSGILYGVLTQDNVSEGTGEAKNAKGVYISTTSGKFTPKIGSIGLHSITENVHPNQ
QSRFTPVGVAQNENTPFQQWVLPHYAGALALNTNLAPAVAPTFPGEELLFFRSRVPCVQGLRGQDAFIDCLLPQEWVNHF
YQEAAPSQADVALIRYVNPDTGRTLFEAKLHRSGFITVSHTGAYPLVVPPNGHFRFDSWVNQFYSLAPM
;
_entity_poly.pdbx_strand_id   A,B,C,D
#
loop_
_chem_comp.id
_chem_comp.type
_chem_comp.name
_chem_comp.formula
GAL D-saccharide, beta linking beta-D-galactopyranose 'C6 H12 O6'
NAG D-saccharide, beta linking 2-acetamido-2-deoxy-beta-D-glucopyranose 'C8 H15 N O6'
#
# COMPACT_ATOMS: atom_id res chain seq x y z
N THR A 1 -18.61 10.61 -33.67
CA THR A 1 -18.82 11.44 -32.48
C THR A 1 -19.78 10.77 -31.51
N LYS A 2 -19.32 10.53 -30.29
CA LYS A 2 -20.14 9.87 -29.28
C LYS A 2 -21.36 10.74 -28.96
N PRO A 3 -22.58 10.24 -29.15
CA PRO A 3 -23.76 11.07 -28.90
C PRO A 3 -23.92 11.40 -27.43
N PHE A 4 -24.34 12.64 -27.16
CA PHE A 4 -24.67 13.06 -25.81
C PHE A 4 -26.03 12.52 -25.42
N THR A 5 -26.12 12.00 -24.19
CA THR A 5 -27.35 11.41 -23.69
C THR A 5 -27.56 11.81 -22.25
N LEU A 6 -28.83 11.83 -21.83
CA LEU A 6 -29.23 11.95 -20.44
C LEU A 6 -29.63 10.58 -19.90
N PRO A 7 -29.43 10.32 -18.60
CA PRO A 7 -29.99 9.10 -18.02
C PRO A 7 -31.50 9.17 -17.97
N ILE A 8 -32.14 8.00 -18.08
CA ILE A 8 -33.60 7.92 -18.01
C ILE A 8 -33.93 7.66 -16.54
N LEU A 9 -34.21 8.74 -15.81
CA LEU A 9 -34.51 8.66 -14.38
C LEU A 9 -35.60 9.67 -14.06
N THR A 10 -36.58 9.25 -13.27
CA THR A 10 -37.64 10.14 -12.83
C THR A 10 -37.14 11.00 -11.67
N ILE A 11 -37.99 11.94 -11.24
CA ILE A 11 -37.62 12.86 -10.17
C ILE A 11 -37.28 12.08 -8.89
N SER A 12 -38.13 11.12 -8.52
CA SER A 12 -37.89 10.33 -7.32
C SER A 12 -36.72 9.36 -7.48
N GLU A 13 -36.11 9.27 -8.67
CA GLU A 13 -34.95 8.42 -8.89
C GLU A 13 -33.66 9.25 -9.00
N LEU A 14 -33.69 10.49 -8.55
CA LEU A 14 -32.56 11.39 -8.60
C LEU A 14 -32.16 11.81 -7.19
N THR A 15 -30.86 12.05 -7.00
CA THR A 15 -30.29 12.43 -5.72
C THR A 15 -29.75 13.85 -5.79
N ASN A 16 -29.99 14.63 -4.73
CA ASN A 16 -29.41 15.95 -4.63
C ASN A 16 -27.88 15.84 -4.61
N SER A 17 -27.23 16.69 -5.39
CA SER A 17 -25.77 16.67 -5.46
C SER A 17 -25.12 17.51 -4.37
N ARG A 18 -25.91 18.30 -3.63
CA ARG A 18 -25.36 19.15 -2.58
C ARG A 18 -25.66 18.64 -1.18
N PHE A 19 -26.52 17.63 -1.04
CA PHE A 19 -26.79 16.99 0.24
C PHE A 19 -27.34 15.60 -0.04
N PRO A 20 -26.92 14.57 0.71
CA PRO A 20 -27.29 13.19 0.34
C PRO A 20 -28.73 12.82 0.63
N ILE A 21 -29.65 13.44 -0.11
CA ILE A 21 -31.08 13.11 -0.02
C ILE A 21 -31.68 13.14 -1.42
N PRO A 22 -32.80 12.47 -1.63
CA PRO A 22 -33.38 12.44 -2.98
C PRO A 22 -33.95 13.79 -3.39
N ILE A 23 -34.04 13.96 -4.71
CA ILE A 23 -34.74 15.11 -5.28
C ILE A 23 -36.24 14.96 -5.03
N GLU A 24 -36.90 16.06 -4.72
CA GLU A 24 -38.34 16.05 -4.48
C GLU A 24 -39.14 16.75 -5.57
N GLN A 25 -38.60 17.81 -6.17
CA GLN A 25 -39.33 18.54 -7.19
C GLN A 25 -38.34 19.33 -8.04
N LEU A 26 -38.85 19.82 -9.17
CA LEU A 26 -38.20 20.84 -9.98
C LEU A 26 -38.77 22.20 -9.59
N TYR A 27 -37.90 23.21 -9.61
CA TYR A 27 -38.25 24.52 -9.07
C TYR A 27 -37.46 25.59 -9.81
N THR A 28 -38.16 26.61 -10.30
CA THR A 28 -37.54 27.73 -10.97
C THR A 28 -37.84 29.01 -10.20
N ALA A 29 -36.90 29.95 -10.26
CA ALA A 29 -37.03 31.22 -9.57
C ALA A 29 -36.00 32.20 -10.08
N PRO A 30 -36.28 33.51 -10.04
CA PRO A 30 -35.23 34.50 -10.36
C PRO A 30 -34.14 34.50 -9.29
N ASN A 31 -32.95 34.97 -9.68
CA ASN A 31 -31.72 34.95 -8.89
C ASN A 31 -31.67 36.04 -7.83
N GLU A 32 -32.79 36.66 -7.47
CA GLU A 32 -32.83 38.11 -7.26
C GLU A 32 -31.55 38.71 -6.70
N ASN A 33 -31.18 38.33 -5.48
CA ASN A 33 -29.95 38.83 -4.89
C ASN A 33 -28.99 37.72 -4.47
N ASN A 34 -29.27 36.48 -4.86
CA ASN A 34 -28.41 35.35 -4.56
C ASN A 34 -27.36 35.18 -5.64
N VAL A 35 -26.13 34.93 -5.24
CA VAL A 35 -25.09 34.48 -6.14
C VAL A 35 -25.19 32.96 -6.22
N VAL A 36 -25.58 32.46 -7.39
CA VAL A 36 -25.81 31.01 -7.57
C VAL A 36 -24.47 30.43 -7.98
N GLN A 37 -23.67 30.04 -6.98
CA GLN A 37 -22.31 29.54 -7.22
C GLN A 37 -22.03 28.34 -6.32
N CYS A 38 -22.97 27.41 -6.23
CA CYS A 38 -22.71 26.18 -5.51
C CYS A 38 -21.54 25.43 -6.15
N GLN A 39 -20.80 24.68 -5.33
CA GLN A 39 -19.60 24.00 -5.78
C GLN A 39 -19.74 22.50 -5.89
N ASN A 40 -20.77 21.92 -5.29
CA ASN A 40 -21.06 20.51 -5.48
C ASN A 40 -22.12 20.37 -6.57
N GLY A 41 -22.04 19.27 -7.31
CA GLY A 41 -22.94 19.06 -8.43
C GLY A 41 -22.62 19.97 -9.60
N ARG A 42 -21.33 20.22 -9.84
CA ARG A 42 -20.87 21.04 -10.95
C ARG A 42 -20.07 20.16 -11.91
N CYS A 43 -20.53 20.08 -13.15
CA CYS A 43 -19.91 19.23 -14.15
C CYS A 43 -20.34 19.70 -15.53
N THR A 44 -19.40 19.81 -16.46
CA THR A 44 -19.78 20.16 -17.82
C THR A 44 -20.45 18.98 -18.50
N LEU A 45 -21.14 19.26 -19.62
CA LEU A 45 -21.84 18.20 -20.34
C LEU A 45 -20.89 17.18 -20.95
N ASP A 46 -19.62 17.54 -21.17
CA ASP A 46 -18.64 16.58 -21.66
C ASP A 46 -17.83 15.94 -20.53
N GLY A 47 -18.30 16.07 -19.29
CA GLY A 47 -17.76 15.27 -18.20
C GLY A 47 -16.60 15.86 -17.44
N GLU A 48 -16.46 17.17 -17.40
CA GLU A 48 -15.39 17.82 -16.63
C GLU A 48 -15.95 18.24 -15.27
N LEU A 49 -15.52 17.55 -14.21
CA LEU A 49 -15.95 17.91 -12.87
C LEU A 49 -15.36 19.26 -12.48
N GLN A 50 -16.15 20.06 -11.76
CA GLN A 50 -15.74 21.41 -11.36
C GLN A 50 -15.98 21.59 -9.86
N GLY A 51 -15.42 22.68 -9.34
CA GLY A 51 -15.64 23.04 -7.95
C GLY A 51 -15.12 21.98 -7.00
N THR A 52 -15.98 21.59 -6.06
CA THR A 52 -15.69 20.51 -5.11
C THR A 52 -16.44 19.23 -5.45
N THR A 53 -16.79 19.04 -6.71
CA THR A 53 -17.67 17.94 -7.10
C THR A 53 -16.89 16.64 -7.27
N GLN A 54 -17.34 15.60 -6.58
CA GLN A 54 -16.88 14.23 -6.80
C GLN A 54 -18.10 13.36 -7.05
N LEU A 55 -17.93 12.03 -7.05
CA LEU A 55 -18.96 11.15 -7.60
C LEU A 55 -19.89 10.53 -6.57
N LEU A 56 -19.53 10.51 -5.29
CA LEU A 56 -20.26 9.73 -4.30
C LEU A 56 -21.18 10.60 -3.46
N SER A 57 -22.46 10.21 -3.38
CA SER A 57 -23.38 10.88 -2.47
C SER A 57 -22.94 10.74 -1.02
N SER A 58 -22.33 9.61 -0.67
CA SER A 58 -21.84 9.37 0.68
C SER A 58 -20.65 10.24 1.04
N ALA A 59 -20.15 11.06 0.12
CA ALA A 59 -19.06 11.99 0.41
C ALA A 59 -19.50 13.43 0.51
N VAL A 60 -20.72 13.76 0.10
CA VAL A 60 -21.18 15.13 0.13
C VAL A 60 -21.59 15.48 1.56
N CYS A 61 -20.93 16.50 2.13
CA CYS A 61 -21.15 16.94 3.51
C CYS A 61 -20.76 15.86 4.52
N SER A 62 -19.99 14.87 4.07
CA SER A 62 -19.33 13.90 4.92
C SER A 62 -17.88 14.29 5.10
N TYR A 63 -17.35 14.03 6.30
CA TYR A 63 -15.97 14.32 6.62
C TYR A 63 -15.36 13.14 7.36
N ARG A 64 -14.04 13.06 7.32
CA ARG A 64 -13.30 12.04 8.04
C ARG A 64 -11.90 12.56 8.33
N GLY A 65 -11.31 12.00 9.37
CA GLY A 65 -9.95 12.36 9.73
C GLY A 65 -9.73 12.12 11.22
N ARG A 66 -8.76 12.86 11.75
CA ARG A 66 -8.29 12.73 13.12
C ARG A 66 -8.79 13.90 13.95
N THR A 67 -9.42 13.60 15.08
CA THR A 67 -9.86 14.65 15.99
C THR A 67 -8.67 15.24 16.73
N VAL A 68 -8.74 16.55 16.96
CA VAL A 68 -7.70 17.30 17.66
C VAL A 68 -8.37 18.07 18.78
N ALA A 69 -7.89 17.90 20.00
CA ALA A 69 -8.42 18.65 21.14
C ALA A 69 -8.26 20.15 20.90
N ASN A 70 -9.30 20.91 21.24
CA ASN A 70 -9.29 22.36 21.05
C ASN A 70 -9.92 22.99 22.30
N SER A 71 -9.08 23.31 23.28
CA SER A 71 -9.51 24.02 24.47
C SER A 71 -9.05 25.47 24.34
N GLY A 72 -10.00 26.38 24.17
CA GLY A 72 -9.68 27.77 23.92
C GLY A 72 -10.11 28.23 22.54
N ASP A 73 -11.21 28.97 22.47
CA ASP A 73 -12.03 29.26 23.65
C ASP A 73 -13.49 29.10 23.28
N ASN A 74 -13.75 28.99 21.98
CA ASN A 74 -15.06 29.23 21.40
C ASN A 74 -15.85 27.92 21.26
N TRP A 75 -16.91 28.02 20.45
CA TRP A 75 -17.82 27.00 19.96
C TRP A 75 -17.27 25.56 19.84
N ASP A 76 -16.07 25.40 19.27
CA ASP A 76 -15.58 24.08 18.85
C ASP A 76 -14.69 23.46 19.93
N GLN A 77 -15.16 22.37 20.55
CA GLN A 77 -14.35 21.68 21.55
C GLN A 77 -13.25 20.83 20.92
N ASN A 78 -13.44 20.42 19.68
CA ASN A 78 -12.44 19.64 18.95
C ASN A 78 -12.38 20.13 17.52
N LEU A 79 -11.25 19.89 16.87
CA LEU A 79 -11.11 20.07 15.44
C LEU A 79 -11.04 18.70 14.77
N LEU A 80 -11.34 18.66 13.48
CA LEU A 80 -11.20 17.45 12.69
C LEU A 80 -10.15 17.72 11.61
N GLN A 81 -9.01 17.04 11.71
CA GLN A 81 -7.95 17.17 10.71
C GLN A 81 -8.29 16.26 9.53
N LEU A 82 -8.69 16.86 8.41
CA LEU A 82 -9.35 16.11 7.35
C LEU A 82 -8.38 15.23 6.58
N THR A 83 -8.84 14.03 6.23
CA THR A 83 -8.07 13.09 5.42
C THR A 83 -8.91 12.64 4.23
N TYR A 84 -8.21 12.14 3.20
CA TYR A 84 -8.85 11.67 1.98
C TYR A 84 -9.68 10.42 2.27
N PRO A 85 -10.45 9.94 1.29
CA PRO A 85 -11.25 8.71 1.49
C PRO A 85 -10.51 7.56 2.15
N SER A 86 -9.19 7.48 2.03
CA SER A 86 -8.43 6.36 2.58
C SER A 86 -7.25 6.84 3.41
N GLY A 87 -7.50 7.83 4.29
CA GLY A 87 -6.54 8.22 5.29
C GLY A 87 -5.43 9.15 4.83
N ALA A 88 -5.27 9.37 3.53
CA ALA A 88 -4.23 10.27 3.06
C ALA A 88 -4.53 11.71 3.49
N SER A 89 -3.49 12.43 3.90
CA SER A 89 -3.66 13.79 4.37
C SER A 89 -3.97 14.73 3.20
N TYR A 90 -4.89 15.65 3.43
CA TYR A 90 -5.39 16.52 2.37
C TYR A 90 -4.33 17.55 1.99
N ASP A 91 -4.22 17.81 0.68
CA ASP A 91 -3.21 18.72 0.14
C ASP A 91 -3.84 20.07 -0.14
N PRO A 92 -3.54 21.11 0.64
CA PRO A 92 -4.15 22.43 0.40
C PRO A 92 -3.70 23.11 -0.87
N THR A 93 -2.69 22.60 -1.58
CA THR A 93 -2.20 23.25 -2.78
C THR A 93 -2.96 22.82 -4.04
N ASP A 94 -3.88 21.87 -3.93
CA ASP A 94 -4.63 21.44 -5.10
C ASP A 94 -5.55 22.56 -5.59
N GLU A 95 -5.67 22.69 -6.91
CA GLU A 95 -6.46 23.76 -7.51
C GLU A 95 -7.95 23.45 -7.40
N VAL A 96 -8.44 23.51 -6.16
CA VAL A 96 -9.85 23.30 -5.86
C VAL A 96 -10.21 24.20 -4.68
N PRO A 97 -11.48 24.55 -4.49
CA PRO A 97 -11.81 25.48 -3.40
C PRO A 97 -11.66 24.87 -2.02
N ALA A 98 -11.77 23.54 -1.91
CA ALA A 98 -11.86 22.83 -0.64
C ALA A 98 -11.83 21.34 -0.96
N PRO A 99 -11.65 20.45 0.02
CA PRO A 99 -11.73 19.02 -0.27
C PRO A 99 -13.05 18.69 -0.93
N LEU A 100 -13.01 17.74 -1.87
CA LEU A 100 -14.20 17.39 -2.62
C LEU A 100 -15.29 16.90 -1.68
N GLY A 101 -16.52 17.33 -1.94
CA GLY A 101 -17.64 17.00 -1.08
C GLY A 101 -17.89 17.97 0.06
N THR A 102 -16.98 18.92 0.30
CA THR A 102 -17.18 19.90 1.36
C THR A 102 -18.49 20.64 1.16
N GLN A 103 -19.21 20.89 2.26
CA GLN A 103 -20.45 21.66 2.21
C GLN A 103 -20.23 22.99 1.49
N ASP A 104 -21.20 23.36 0.65
CA ASP A 104 -21.11 24.61 -0.10
C ASP A 104 -22.24 25.57 0.27
N PHE A 105 -22.73 25.48 1.50
CA PHE A 105 -23.72 26.43 2.01
C PHE A 105 -23.23 27.02 3.32
N SER A 106 -23.70 28.23 3.64
CA SER A 106 -23.32 28.90 4.86
C SER A 106 -24.31 28.55 5.97
N GLY A 107 -23.80 28.42 7.19
CA GLY A 107 -24.66 28.08 8.31
C GLY A 107 -24.18 26.88 9.07
N ILE A 108 -25.10 26.13 9.68
CA ILE A 108 -24.75 25.03 10.56
C ILE A 108 -25.15 23.71 9.90
N LEU A 109 -24.18 22.82 9.76
CA LEU A 109 -24.43 21.45 9.32
C LEU A 109 -24.42 20.55 10.55
N TYR A 110 -25.44 19.71 10.68
CA TYR A 110 -25.56 18.79 11.80
C TYR A 110 -25.36 17.35 11.34
N GLY A 111 -24.71 16.57 12.19
CA GLY A 111 -24.55 15.16 11.92
C GLY A 111 -23.97 14.43 13.11
N VAL A 112 -23.56 13.20 12.88
CA VAL A 112 -23.10 12.31 13.93
C VAL A 112 -21.66 11.92 13.65
N LEU A 113 -20.77 12.16 14.61
CA LEU A 113 -19.40 11.71 14.53
C LEU A 113 -19.29 10.32 15.16
N THR A 114 -18.57 9.43 14.49
CA THR A 114 -18.28 8.12 15.05
C THR A 114 -16.77 7.95 15.13
N GLN A 115 -16.33 7.21 16.15
CA GLN A 115 -14.92 7.16 16.54
C GLN A 115 -14.59 5.70 16.86
N ASP A 116 -13.48 5.48 17.59
CA ASP A 116 -13.11 4.13 18.00
C ASP A 116 -14.29 3.41 18.65
N ASN A 117 -14.54 2.18 18.20
CA ASN A 117 -15.62 1.39 18.75
C ASN A 117 -15.42 1.18 20.26
N VAL A 118 -16.53 1.14 20.99
CA VAL A 118 -16.51 0.97 22.44
C VAL A 118 -17.20 -0.35 22.76
N SER A 119 -16.96 -0.84 23.98
CA SER A 119 -17.54 -2.09 24.41
C SER A 119 -19.06 -1.96 24.55
N GLU A 120 -19.73 -3.12 24.57
CA GLU A 120 -21.19 -3.13 24.63
C GLU A 120 -21.69 -2.47 25.92
N GLY A 121 -21.00 -2.71 27.04
CA GLY A 121 -21.41 -2.14 28.32
C GLY A 121 -21.17 -0.67 28.48
N THR A 122 -20.54 -0.02 27.49
CA THR A 122 -20.31 1.42 27.58
C THR A 122 -21.62 2.20 27.49
N GLY A 123 -22.63 1.65 26.81
CA GLY A 123 -23.94 2.26 26.74
C GLY A 123 -24.41 2.38 25.31
N GLU A 124 -25.72 2.66 25.19
CA GLU A 124 -26.33 2.79 23.88
C GLU A 124 -25.84 4.04 23.18
N ALA A 125 -25.41 3.88 21.92
CA ALA A 125 -25.01 5.00 21.07
C ALA A 125 -23.92 5.83 21.70
N LYS A 126 -23.04 5.17 22.47
CA LYS A 126 -21.97 5.90 23.12
C LYS A 126 -20.88 6.30 22.13
N ASN A 127 -20.73 5.55 21.03
CA ASN A 127 -19.83 5.92 19.96
C ASN A 127 -20.55 6.70 18.86
N ALA A 128 -21.54 7.49 19.25
CA ALA A 128 -22.27 8.37 18.35
C ALA A 128 -22.31 9.74 18.99
N LYS A 129 -21.74 10.73 18.33
CA LYS A 129 -21.57 12.07 18.89
C LYS A 129 -22.26 13.07 17.99
N GLY A 130 -23.33 13.69 18.48
CA GLY A 130 -24.01 14.72 17.73
C GLY A 130 -23.21 16.00 17.74
N VAL A 131 -22.90 16.55 16.56
CA VAL A 131 -22.05 17.72 16.46
C VAL A 131 -22.63 18.72 15.47
N TYR A 132 -22.32 19.99 15.71
CA TYR A 132 -22.57 21.07 14.77
C TYR A 132 -21.26 21.43 14.09
N ILE A 133 -21.28 21.53 12.77
CA ILE A 133 -20.16 22.10 12.03
C ILE A 133 -20.67 23.44 11.49
N SER A 134 -20.24 24.54 12.10
N SER A 134 -20.26 24.53 12.11
CA SER A 134 -20.69 25.87 11.71
CA SER A 134 -20.69 25.86 11.70
C SER A 134 -19.63 26.52 10.82
C SER A 134 -19.63 26.50 10.82
N THR A 135 -20.06 27.03 9.68
CA THR A 135 -19.15 27.71 8.76
C THR A 135 -18.80 29.12 9.21
N THR A 136 -19.56 29.69 10.17
CA THR A 136 -19.20 30.99 10.72
C THR A 136 -18.20 30.90 11.86
N SER A 137 -17.84 29.68 12.28
CA SER A 137 -16.76 29.52 13.24
C SER A 137 -15.42 29.81 12.58
N GLY A 138 -14.50 30.41 13.34
CA GLY A 138 -13.16 30.64 12.83
C GLY A 138 -12.40 29.37 12.54
N LYS A 139 -12.84 28.24 13.12
CA LYS A 139 -12.19 26.96 12.88
C LYS A 139 -12.68 26.27 11.62
N PHE A 140 -13.62 26.87 10.88
CA PHE A 140 -14.07 26.26 9.63
C PHE A 140 -13.10 26.68 8.54
N THR A 141 -12.07 25.85 8.35
CA THR A 141 -11.01 26.10 7.36
C THR A 141 -10.72 24.83 6.55
N PRO A 142 -11.73 24.24 5.91
CA PRO A 142 -11.50 22.97 5.20
C PRO A 142 -10.46 23.07 4.09
N LYS A 143 -10.26 24.25 3.51
CA LYS A 143 -9.26 24.41 2.46
C LYS A 143 -7.85 24.08 2.96
N ILE A 144 -7.57 24.31 4.24
CA ILE A 144 -6.27 23.95 4.79
C ILE A 144 -6.33 22.65 5.58
N GLY A 145 -7.46 21.94 5.53
CA GLY A 145 -7.53 20.60 6.08
C GLY A 145 -8.04 20.48 7.49
N SER A 146 -8.81 21.46 7.98
CA SER A 146 -9.29 21.38 9.36
C SER A 146 -10.64 22.09 9.47
N ILE A 147 -11.54 21.48 10.25
CA ILE A 147 -12.84 22.06 10.55
C ILE A 147 -13.10 21.93 12.05
N GLY A 148 -14.02 22.75 12.55
CA GLY A 148 -14.36 22.77 13.95
C GLY A 148 -15.59 21.93 14.23
N LEU A 149 -15.57 21.24 15.37
CA LEU A 149 -16.66 20.34 15.78
C LEU A 149 -17.23 20.84 17.10
N HIS A 150 -18.50 21.26 17.08
CA HIS A 150 -19.21 21.68 18.28
C HIS A 150 -20.04 20.49 18.77
N SER A 151 -19.66 19.92 19.91
CA SER A 151 -20.35 18.77 20.45
C SER A 151 -21.69 19.18 21.06
N ILE A 152 -22.74 18.44 20.74
CA ILE A 152 -24.04 18.59 21.37
C ILE A 152 -24.35 17.43 22.31
N THR A 153 -24.08 16.20 21.86
CA THR A 153 -24.28 15.00 22.67
C THR A 153 -23.04 14.13 22.60
N GLU A 154 -22.73 13.45 23.71
CA GLU A 154 -21.67 12.44 23.72
C GLU A 154 -20.27 12.96 23.41
N ASN A 155 -19.62 13.57 24.40
CA ASN A 155 -18.25 14.12 24.29
C ASN A 155 -17.34 13.42 23.28
N VAL A 156 -16.71 14.21 22.43
CA VAL A 156 -15.84 13.73 21.35
C VAL A 156 -14.44 13.50 21.90
N HIS A 157 -13.85 12.35 21.56
CA HIS A 157 -12.51 12.00 22.04
C HIS A 157 -11.44 12.56 21.11
N PRO A 158 -10.32 13.01 21.67
CA PRO A 158 -9.22 13.50 20.83
C PRO A 158 -8.38 12.36 20.28
N ASN A 159 -7.70 12.64 19.17
CA ASN A 159 -6.69 11.75 18.59
C ASN A 159 -7.27 10.42 18.14
N GLN A 160 -8.53 10.40 17.72
CA GLN A 160 -9.16 9.18 17.22
C GLN A 160 -9.58 9.38 15.77
N GLN A 161 -9.43 8.32 14.96
CA GLN A 161 -9.90 8.37 13.59
C GLN A 161 -11.42 8.40 13.58
N SER A 162 -12.00 9.40 12.93
CA SER A 162 -13.41 9.69 13.11
C SER A 162 -14.08 9.95 11.77
N ARG A 163 -15.37 9.59 11.70
CA ARG A 163 -16.16 9.81 10.51
C ARG A 163 -17.37 10.66 10.88
N PHE A 164 -17.66 11.67 10.06
CA PHE A 164 -18.84 12.51 10.29
C PHE A 164 -19.90 12.16 9.25
N THR A 165 -21.08 11.77 9.71
CA THR A 165 -22.17 11.45 8.80
C THR A 165 -23.19 12.58 8.83
N PRO A 166 -23.50 13.23 7.71
CA PRO A 166 -24.45 14.34 7.76
C PRO A 166 -25.88 13.86 7.92
N VAL A 167 -26.68 14.66 8.63
CA VAL A 167 -28.10 14.39 8.86
C VAL A 167 -28.97 15.54 8.37
N GLY A 168 -28.60 16.77 8.67
CA GLY A 168 -29.35 17.91 8.21
C GLY A 168 -28.63 19.20 8.50
N VAL A 169 -29.40 20.29 8.50
CA VAL A 169 -28.87 21.60 8.80
C VAL A 169 -29.48 22.08 10.11
N ALA A 170 -28.96 23.20 10.61
CA ALA A 170 -29.51 23.82 11.80
C ALA A 170 -29.38 25.32 11.65
N GLN A 171 -30.25 26.04 12.37
CA GLN A 171 -30.21 27.50 12.40
C GLN A 171 -30.42 27.92 13.84
N ASN A 172 -29.42 28.59 14.41
CA ASN A 172 -29.59 29.16 15.75
C ASN A 172 -29.82 30.67 15.64
N GLU A 173 -29.79 31.35 16.78
CA GLU A 173 -30.22 32.74 16.84
C GLU A 173 -29.37 33.64 15.95
N ASN A 174 -28.09 33.32 15.75
CA ASN A 174 -27.18 34.21 15.05
C ASN A 174 -26.53 33.58 13.82
N THR A 175 -26.92 32.35 13.45
CA THR A 175 -26.34 31.68 12.28
C THR A 175 -27.46 31.22 11.36
N PRO A 176 -27.92 32.09 10.46
CA PRO A 176 -28.95 31.68 9.51
C PRO A 176 -28.41 30.72 8.45
N PHE A 177 -29.30 29.87 7.95
CA PHE A 177 -28.98 28.90 6.91
C PHE A 177 -29.10 29.58 5.56
N GLN A 178 -27.98 29.78 4.87
CA GLN A 178 -27.90 30.53 3.63
C GLN A 178 -27.30 29.65 2.54
N GLN A 179 -28.16 29.01 1.74
CA GLN A 179 -27.69 28.01 0.80
C GLN A 179 -26.94 28.62 -0.39
N TRP A 180 -27.06 29.92 -0.63
CA TRP A 180 -26.39 30.55 -1.76
C TRP A 180 -25.24 31.46 -1.34
N VAL A 181 -24.83 31.43 -0.09
CA VAL A 181 -23.63 32.12 0.37
C VAL A 181 -22.57 31.06 0.63
N LEU A 182 -21.59 30.97 -0.26
CA LEU A 182 -20.53 29.99 -0.06
C LEU A 182 -19.80 30.27 1.25
N PRO A 183 -19.48 29.25 2.02
CA PRO A 183 -18.73 29.47 3.26
C PRO A 183 -17.29 29.88 2.96
N HIS A 184 -16.63 30.44 3.97
CA HIS A 184 -15.23 30.80 3.80
C HIS A 184 -14.38 29.54 3.98
N TYR A 185 -14.04 28.90 2.85
CA TYR A 185 -13.30 27.64 2.87
C TYR A 185 -11.94 27.79 3.56
N ALA A 186 -11.35 28.99 3.50
CA ALA A 186 -10.02 29.21 4.04
C ALA A 186 -10.01 29.99 5.35
N GLY A 187 -11.17 30.16 5.98
CA GLY A 187 -11.25 30.82 7.26
C GLY A 187 -11.80 32.23 7.16
N ALA A 188 -12.08 32.79 8.33
CA ALA A 188 -12.62 34.14 8.41
C ALA A 188 -11.68 35.14 7.75
N LEU A 189 -12.26 36.07 7.01
CA LEU A 189 -11.59 37.16 6.31
C LEU A 189 -10.80 36.69 5.10
N ALA A 190 -10.90 35.42 4.72
CA ALA A 190 -10.26 34.89 3.52
C ALA A 190 -11.30 34.62 2.45
N LEU A 191 -10.97 34.93 1.21
CA LEU A 191 -11.88 34.73 0.08
C LEU A 191 -11.61 33.37 -0.57
N ASN A 192 -12.60 32.92 -1.34
CA ASN A 192 -12.55 31.58 -1.93
C ASN A 192 -11.87 31.60 -3.30
N THR A 193 -11.27 30.48 -3.65
CA THR A 193 -10.47 30.35 -4.87
C THR A 193 -10.87 29.08 -5.62
N ASN A 194 -10.47 29.04 -6.89
CA ASN A 194 -10.66 27.85 -7.75
C ASN A 194 -12.12 27.47 -7.88
N LEU A 195 -13.02 28.46 -7.86
CA LEU A 195 -14.45 28.17 -7.84
C LEU A 195 -14.98 27.84 -9.23
N ALA A 196 -15.93 26.90 -9.27
CA ALA A 196 -16.78 26.79 -10.44
C ALA A 196 -17.55 28.10 -10.59
N PRO A 197 -17.76 28.57 -11.81
CA PRO A 197 -18.33 29.92 -11.97
C PRO A 197 -19.77 30.00 -11.49
N ALA A 198 -20.16 31.22 -11.10
CA ALA A 198 -21.57 31.48 -10.81
C ALA A 198 -22.38 31.45 -12.10
N VAL A 199 -23.67 31.16 -11.95
CA VAL A 199 -24.55 31.00 -13.11
C VAL A 199 -25.76 31.93 -12.93
N ALA A 200 -26.29 32.38 -14.06
CA ALA A 200 -27.45 33.27 -14.08
C ALA A 200 -28.05 33.21 -15.48
N PRO A 201 -29.35 33.47 -15.62
CA PRO A 201 -29.93 33.50 -16.97
C PRO A 201 -29.45 34.70 -17.76
N THR A 202 -29.14 34.46 -19.04
CA THR A 202 -28.63 35.50 -19.92
C THR A 202 -29.51 35.75 -21.14
N PHE A 203 -30.65 35.08 -21.25
CA PHE A 203 -31.60 35.28 -22.33
C PHE A 203 -32.90 35.87 -21.78
N PRO A 204 -33.54 36.79 -22.51
CA PRO A 204 -34.74 37.43 -21.98
C PRO A 204 -35.81 36.42 -21.58
N GLY A 205 -36.39 36.63 -20.41
CA GLY A 205 -37.48 35.83 -19.92
C GLY A 205 -37.09 34.50 -19.29
N GLU A 206 -35.81 34.19 -19.21
CA GLU A 206 -35.36 32.89 -18.71
C GLU A 206 -35.00 32.97 -17.23
N GLU A 207 -35.11 31.81 -16.56
CA GLU A 207 -34.70 31.65 -15.17
C GLU A 207 -33.98 30.32 -15.03
N LEU A 208 -33.19 30.20 -13.97
CA LEU A 208 -32.56 28.93 -13.67
C LEU A 208 -33.61 27.89 -13.28
N LEU A 209 -33.34 26.64 -13.60
CA LEU A 209 -34.15 25.51 -13.14
C LEU A 209 -33.35 24.70 -12.14
N PHE A 210 -33.95 24.42 -10.99
CA PHE A 210 -33.27 23.73 -9.90
C PHE A 210 -33.87 22.36 -9.67
N PHE A 211 -33.04 21.45 -9.16
CA PHE A 211 -33.50 20.19 -8.60
C PHE A 211 -33.56 20.37 -7.09
N ARG A 212 -34.76 20.29 -6.51
CA ARG A 212 -35.00 20.79 -5.16
C ARG A 212 -35.24 19.65 -4.19
N SER A 213 -34.65 19.77 -3.00
CA SER A 213 -34.92 18.87 -1.88
C SER A 213 -35.15 19.69 -0.62
N ARG A 214 -35.88 19.10 0.33
CA ARG A 214 -35.99 19.66 1.68
C ARG A 214 -35.04 18.89 2.59
N VAL A 215 -34.10 19.61 3.20
N VAL A 215 -34.11 19.61 3.21
CA VAL A 215 -33.13 18.96 4.09
CA VAL A 215 -33.12 19.03 4.11
C VAL A 215 -33.69 19.00 5.51
C VAL A 215 -33.68 19.02 5.52
N PRO A 216 -33.47 17.95 6.31
CA PRO A 216 -33.90 17.98 7.70
C PRO A 216 -33.25 19.14 8.45
N CYS A 217 -34.02 19.78 9.32
CA CYS A 217 -33.54 20.91 10.12
C CYS A 217 -33.72 20.56 11.59
N VAL A 218 -32.60 20.40 12.29
CA VAL A 218 -32.64 19.93 13.67
C VAL A 218 -32.77 21.06 14.68
N GLN A 219 -32.70 22.32 14.24
CA GLN A 219 -32.95 23.47 15.10
C GLN A 219 -33.33 24.64 14.22
N GLY A 220 -34.41 25.32 14.58
CA GLY A 220 -34.81 26.52 13.86
C GLY A 220 -35.75 26.22 12.70
N LEU A 221 -36.15 27.31 12.04
CA LEU A 221 -37.01 27.27 10.85
C LEU A 221 -38.32 26.55 11.13
N ARG A 222 -38.93 26.86 12.28
CA ARG A 222 -40.22 26.29 12.65
C ARG A 222 -41.29 26.72 11.66
N GLY A 223 -42.15 25.79 11.26
CA GLY A 223 -43.13 26.13 10.24
C GLY A 223 -42.56 26.48 8.87
N GLN A 224 -41.27 26.21 8.62
CA GLN A 224 -40.61 26.55 7.36
C GLN A 224 -39.86 25.34 6.82
N ASP A 225 -39.33 25.44 5.60
CA ASP A 225 -38.60 24.34 4.99
C ASP A 225 -37.17 24.78 4.69
N ALA A 226 -36.21 23.91 4.97
CA ALA A 226 -34.81 24.21 4.67
C ALA A 226 -34.50 23.62 3.31
N PHE A 227 -34.66 24.42 2.27
CA PHE A 227 -34.45 23.93 0.91
C PHE A 227 -32.97 23.91 0.53
N ILE A 228 -32.56 22.86 -0.17
CA ILE A 228 -31.29 22.83 -0.87
C ILE A 228 -31.58 22.57 -2.34
N ASP A 229 -31.11 23.47 -3.19
CA ASP A 229 -31.35 23.39 -4.63
C ASP A 229 -30.01 23.18 -5.34
N CYS A 230 -29.96 22.22 -6.25
CA CYS A 230 -28.76 21.97 -7.03
C CYS A 230 -29.04 22.20 -8.51
N LEU A 231 -27.96 22.42 -9.26
CA LEU A 231 -28.06 22.67 -10.69
C LEU A 231 -28.14 21.37 -11.49
N LEU A 232 -27.57 20.29 -10.96
CA LEU A 232 -27.57 18.98 -11.58
C LEU A 232 -27.72 17.96 -10.47
N PRO A 233 -28.55 16.95 -10.65
CA PRO A 233 -28.57 15.84 -9.70
C PRO A 233 -27.29 15.02 -9.82
N GLN A 234 -27.00 14.26 -8.77
CA GLN A 234 -25.76 13.50 -8.75
C GLN A 234 -25.70 12.52 -9.91
N GLU A 235 -26.83 11.91 -10.27
CA GLU A 235 -26.83 10.91 -11.32
C GLU A 235 -26.48 11.52 -12.68
N TRP A 236 -26.83 12.79 -12.90
CA TRP A 236 -26.41 13.45 -14.14
C TRP A 236 -24.91 13.72 -14.15
N VAL A 237 -24.39 14.23 -13.02
CA VAL A 237 -22.95 14.45 -12.90
C VAL A 237 -22.17 13.19 -13.23
N ASN A 238 -22.57 12.07 -12.62
CA ASN A 238 -21.83 10.83 -12.80
C ASN A 238 -22.00 10.29 -14.22
N HIS A 239 -23.18 10.49 -14.82
CA HIS A 239 -23.41 10.06 -16.19
C HIS A 239 -22.53 10.84 -17.17
N PHE A 240 -22.49 12.17 -17.03
CA PHE A 240 -21.64 12.98 -17.90
C PHE A 240 -20.17 12.60 -17.73
N TYR A 241 -19.76 12.30 -16.50
CA TYR A 241 -18.38 11.89 -16.25
C TYR A 241 -18.07 10.56 -16.92
N GLN A 242 -19.02 9.62 -16.88
CA GLN A 242 -18.82 8.32 -17.53
C GLN A 242 -18.76 8.47 -19.04
N GLU A 243 -19.71 9.20 -19.62
CA GLU A 243 -19.85 9.24 -21.07
C GLU A 243 -18.79 10.12 -21.72
N ALA A 244 -18.54 11.31 -21.15
CA ALA A 244 -17.59 12.27 -21.70
C ALA A 244 -17.87 12.55 -23.18
N ALA A 245 -19.15 12.64 -23.52
CA ALA A 245 -19.54 12.88 -24.90
C ALA A 245 -19.26 14.32 -25.28
N PRO A 246 -18.61 14.58 -26.42
CA PRO A 246 -18.29 15.96 -26.78
C PRO A 246 -19.53 16.81 -26.98
N SER A 247 -19.46 18.06 -26.53
CA SER A 247 -20.54 19.01 -26.68
C SER A 247 -20.45 19.68 -28.05
N GLN A 248 -21.57 19.65 -28.78
CA GLN A 248 -21.59 20.14 -30.15
C GLN A 248 -22.03 21.58 -30.28
N ALA A 249 -22.57 22.18 -29.23
CA ALA A 249 -23.03 23.56 -29.26
C ALA A 249 -23.08 24.08 -27.84
N ASP A 250 -23.49 25.34 -27.69
CA ASP A 250 -23.52 25.96 -26.36
C ASP A 250 -24.63 25.36 -25.49
N VAL A 251 -25.70 24.84 -26.10
CA VAL A 251 -26.88 24.43 -25.36
C VAL A 251 -27.35 23.08 -25.88
N ALA A 252 -27.66 22.17 -24.96
CA ALA A 252 -28.37 20.93 -25.26
C ALA A 252 -29.86 21.17 -25.00
N LEU A 253 -30.65 21.21 -26.07
CA LEU A 253 -32.09 21.37 -25.91
C LEU A 253 -32.68 20.09 -25.35
N ILE A 254 -33.34 20.17 -24.20
CA ILE A 254 -33.88 18.98 -23.55
C ILE A 254 -35.39 19.16 -23.37
N ARG A 255 -36.12 18.05 -23.44
CA ARG A 255 -37.58 18.08 -23.34
C ARG A 255 -38.02 17.13 -22.22
N TYR A 256 -38.92 17.61 -21.38
CA TYR A 256 -39.51 16.81 -20.31
C TYR A 256 -40.72 16.08 -20.89
N VAL A 257 -40.69 14.75 -20.84
CA VAL A 257 -41.70 13.94 -21.51
C VAL A 257 -42.39 13.02 -20.51
N ASN A 258 -43.66 12.72 -20.78
CA ASN A 258 -44.39 11.71 -20.04
C ASN A 258 -44.42 10.44 -20.87
N PRO A 259 -43.78 9.36 -20.44
CA PRO A 259 -43.59 8.19 -21.33
C PRO A 259 -44.85 7.36 -21.56
N ASP A 260 -45.85 7.43 -20.69
CA ASP A 260 -47.05 6.61 -20.90
C ASP A 260 -48.22 7.40 -21.49
N THR A 261 -48.10 8.72 -21.62
CA THR A 261 -49.03 9.48 -22.44
C THR A 261 -48.40 9.92 -23.76
N GLY A 262 -47.08 9.90 -23.86
CA GLY A 262 -46.38 10.25 -25.08
C GLY A 262 -46.19 11.73 -25.31
N ARG A 263 -46.57 12.58 -24.37
CA ARG A 263 -46.57 14.02 -24.56
C ARG A 263 -45.30 14.64 -24.01
N THR A 264 -44.94 15.80 -24.58
CA THR A 264 -43.89 16.65 -24.04
C THR A 264 -44.54 17.73 -23.18
N LEU A 265 -44.07 17.86 -21.95
CA LEU A 265 -44.69 18.78 -21.00
C LEU A 265 -44.08 20.16 -21.03
N PHE A 266 -42.76 20.26 -21.12
CA PHE A 266 -42.09 21.54 -21.31
C PHE A 266 -40.68 21.26 -21.85
N GLU A 267 -40.00 22.33 -22.26
CA GLU A 267 -38.65 22.22 -22.77
C GLU A 267 -37.74 23.20 -22.04
N ALA A 268 -36.43 22.93 -22.12
CA ALA A 268 -35.46 23.70 -21.36
C ALA A 268 -34.12 23.66 -22.09
N LYS A 269 -33.24 24.58 -21.68
CA LYS A 269 -31.91 24.72 -22.26
C LYS A 269 -30.88 24.22 -21.25
N LEU A 270 -30.22 23.11 -21.57
CA LEU A 270 -29.16 22.57 -20.73
C LEU A 270 -27.83 23.07 -21.28
N HIS A 271 -27.24 24.03 -20.58
CA HIS A 271 -26.03 24.69 -21.07
C HIS A 271 -24.83 23.78 -20.89
N ARG A 272 -23.84 23.94 -21.77
CA ARG A 272 -22.72 23.01 -21.81
C ARG A 272 -21.89 23.04 -20.52
N SER A 273 -21.92 24.14 -19.78
CA SER A 273 -21.24 24.20 -18.49
C SER A 273 -22.02 23.51 -17.36
N GLY A 274 -23.19 22.95 -17.66
CA GLY A 274 -23.90 22.12 -16.70
C GLY A 274 -24.90 22.83 -15.81
N PHE A 275 -25.86 23.51 -16.41
CA PHE A 275 -26.99 24.06 -15.67
C PHE A 275 -28.14 24.26 -16.65
N ILE A 276 -29.35 24.41 -16.10
CA ILE A 276 -30.58 24.44 -16.87
C ILE A 276 -31.24 25.81 -16.73
N THR A 277 -31.74 26.34 -17.83
CA THR A 277 -32.61 27.51 -17.83
C THR A 277 -33.93 27.17 -18.51
N VAL A 278 -34.99 27.85 -18.05
CA VAL A 278 -36.33 27.69 -18.60
C VAL A 278 -36.91 29.08 -18.85
N SER A 279 -37.92 29.13 -19.71
CA SER A 279 -38.65 30.36 -19.99
C SER A 279 -39.82 30.47 -19.00
N HIS A 280 -39.61 31.20 -17.92
CA HIS A 280 -40.62 31.39 -16.89
C HIS A 280 -40.26 32.61 -16.08
N THR A 281 -41.28 33.29 -15.57
CA THR A 281 -41.09 34.46 -14.71
C THR A 281 -41.80 34.21 -13.38
N GLY A 282 -41.04 34.19 -12.30
CA GLY A 282 -41.58 34.00 -10.96
C GLY A 282 -41.11 32.70 -10.33
N ALA A 283 -41.22 32.65 -9.00
CA ALA A 283 -40.91 31.43 -8.26
C ALA A 283 -42.03 30.42 -8.48
N TYR A 284 -41.67 29.21 -8.89
CA TYR A 284 -42.70 28.25 -9.28
C TYR A 284 -42.21 26.82 -9.12
N PRO A 285 -42.81 26.03 -8.21
CA PRO A 285 -42.56 24.58 -8.21
C PRO A 285 -43.30 23.94 -9.37
N LEU A 286 -42.55 23.27 -10.24
CA LEU A 286 -43.10 22.76 -11.49
C LEU A 286 -44.11 21.65 -11.21
N VAL A 287 -45.25 21.70 -11.88
CA VAL A 287 -46.31 20.71 -11.71
C VAL A 287 -46.15 19.69 -12.83
N VAL A 288 -45.51 18.56 -12.52
CA VAL A 288 -45.26 17.50 -13.49
C VAL A 288 -45.55 16.16 -12.86
N PRO A 289 -45.98 15.18 -13.67
CA PRO A 289 -46.35 13.86 -13.12
C PRO A 289 -45.12 13.08 -12.67
N PRO A 290 -45.30 12.09 -11.79
CA PRO A 290 -44.14 11.41 -11.21
C PRO A 290 -43.33 10.58 -12.20
N ASN A 291 -43.88 10.22 -13.35
CA ASN A 291 -43.18 9.35 -14.30
C ASN A 291 -42.42 10.10 -15.38
N GLY A 292 -42.41 11.43 -15.34
CA GLY A 292 -41.75 12.18 -16.39
C GLY A 292 -40.25 12.26 -16.21
N HIS A 293 -39.55 12.46 -17.33
CA HIS A 293 -38.10 12.61 -17.30
C HIS A 293 -37.65 13.45 -18.48
N PHE A 294 -36.46 14.02 -18.35
CA PHE A 294 -35.87 14.82 -19.42
C PHE A 294 -35.30 13.92 -20.50
N ARG A 295 -35.41 14.37 -21.74
CA ARG A 295 -34.88 13.68 -22.91
C ARG A 295 -34.07 14.66 -23.72
N PHE A 296 -32.85 14.27 -24.10
CA PHE A 296 -32.03 15.14 -24.95
C PHE A 296 -32.62 15.19 -26.35
N ASP A 297 -32.87 16.40 -26.85
CA ASP A 297 -33.47 16.58 -28.17
C ASP A 297 -32.44 16.92 -29.24
N SER A 298 -31.73 18.04 -29.08
CA SER A 298 -30.85 18.53 -30.12
C SER A 298 -29.88 19.56 -29.55
N TRP A 299 -28.87 19.89 -30.35
CA TRP A 299 -27.87 20.90 -30.02
C TRP A 299 -28.29 22.23 -30.65
N VAL A 300 -28.39 23.27 -29.82
CA VAL A 300 -28.77 24.60 -30.28
C VAL A 300 -27.82 25.61 -29.63
N ASN A 301 -27.84 26.84 -30.14
CA ASN A 301 -27.00 27.87 -29.54
C ASN A 301 -27.72 28.53 -28.37
N GLN A 302 -26.99 29.41 -27.68
CA GLN A 302 -27.50 30.05 -26.48
C GLN A 302 -28.65 31.01 -26.74
N PHE A 303 -28.92 31.34 -28.00
CA PHE A 303 -29.98 32.28 -28.35
C PHE A 303 -31.27 31.57 -28.76
N TYR A 304 -31.35 30.26 -28.56
CA TYR A 304 -32.57 29.53 -28.87
C TYR A 304 -33.70 30.02 -27.98
N SER A 305 -34.83 30.39 -28.59
CA SER A 305 -35.98 30.89 -27.86
C SER A 305 -36.85 29.70 -27.46
N LEU A 306 -36.96 29.47 -26.15
CA LEU A 306 -37.77 28.37 -25.64
C LEU A 306 -39.25 28.69 -25.70
N ALA A 307 -40.05 27.64 -25.86
CA ALA A 307 -41.47 27.76 -25.61
C ALA A 307 -41.70 28.12 -24.15
N PRO A 308 -42.60 29.07 -23.86
CA PRO A 308 -42.81 29.45 -22.45
C PRO A 308 -43.28 28.27 -21.62
N MET A 309 -42.66 28.11 -20.45
CA MET A 309 -43.01 27.04 -19.53
C MET A 309 -43.95 27.58 -18.45
N THR B 1 -27.94 -6.33 -31.18
CA THR B 1 -27.91 -6.74 -29.79
C THR B 1 -27.05 -5.78 -28.97
N LYS B 2 -27.67 -5.09 -28.03
CA LYS B 2 -26.98 -4.10 -27.22
C LYS B 2 -25.86 -4.74 -26.42
N PRO B 3 -24.63 -4.26 -26.54
CA PRO B 3 -23.52 -4.88 -25.81
C PRO B 3 -23.61 -4.64 -24.31
N PHE B 4 -23.24 -5.66 -23.55
CA PHE B 4 -23.17 -5.55 -22.10
C PHE B 4 -21.86 -4.86 -21.71
N THR B 5 -21.95 -3.94 -20.75
CA THR B 5 -20.80 -3.18 -20.29
C THR B 5 -20.86 -3.01 -18.78
N LEU B 6 -19.70 -2.75 -18.18
CA LEU B 6 -19.56 -2.34 -16.80
C LEU B 6 -19.18 -0.86 -16.74
N PRO B 7 -19.65 -0.14 -15.74
CA PRO B 7 -19.14 1.22 -15.53
C PRO B 7 -17.67 1.17 -15.15
N ILE B 8 -16.94 2.20 -15.58
CA ILE B 8 -15.51 2.31 -15.30
C ILE B 8 -15.39 3.12 -14.02
N LEU B 9 -15.26 2.44 -12.88
CA LEU B 9 -15.22 3.07 -11.57
C LEU B 9 -14.24 2.34 -10.68
N THR B 10 -13.31 3.07 -10.08
CA THR B 10 -12.40 2.48 -9.12
C THR B 10 -13.13 2.15 -7.82
N ILE B 11 -12.44 1.44 -6.92
CA ILE B 11 -13.05 1.02 -5.67
C ILE B 11 -13.53 2.21 -4.86
N SER B 12 -12.72 3.28 -4.82
CA SER B 12 -13.11 4.48 -4.10
C SER B 12 -14.23 5.25 -4.78
N GLU B 13 -14.66 4.83 -5.98
CA GLU B 13 -15.78 5.44 -6.68
C GLU B 13 -17.02 4.57 -6.66
N LEU B 14 -17.09 3.61 -5.74
CA LEU B 14 -18.21 2.68 -5.64
C LEU B 14 -18.91 2.83 -4.30
N THR B 15 -20.22 2.62 -4.30
CA THR B 15 -21.04 2.73 -3.11
C THR B 15 -21.58 1.36 -2.73
N ASN B 16 -21.55 1.07 -1.43
CA ASN B 16 -22.19 -0.14 -0.94
C ASN B 16 -23.69 -0.08 -1.20
N SER B 17 -24.24 -1.18 -1.69
CA SER B 17 -25.66 -1.24 -2.01
C SER B 17 -26.51 -1.68 -0.82
N ARG B 18 -25.88 -2.00 0.32
CA ARG B 18 -26.60 -2.42 1.51
C ARG B 18 -26.54 -1.41 2.64
N PHE B 19 -25.76 -0.33 2.47
CA PHE B 19 -25.65 0.74 3.44
C PHE B 19 -25.00 1.91 2.72
N PRO B 20 -25.45 3.14 2.95
CA PRO B 20 -24.94 4.29 2.17
C PRO B 20 -23.55 4.75 2.59
N ILE B 21 -22.55 3.93 2.27
CA ILE B 21 -21.14 4.25 2.52
C ILE B 21 -20.30 3.69 1.37
N PRO B 22 -19.12 4.26 1.16
CA PRO B 22 -18.28 3.83 0.03
C PRO B 22 -17.72 2.42 0.23
N ILE B 23 -17.52 1.74 -0.89
CA ILE B 23 -16.77 0.50 -0.88
C ILE B 23 -15.33 0.79 -0.48
N GLU B 24 -14.75 -0.09 0.34
CA GLU B 24 -13.38 0.06 0.80
C GLU B 24 -12.42 -0.95 0.22
N GLN B 25 -12.88 -2.17 -0.07
CA GLN B 25 -12.02 -3.23 -0.58
C GLN B 25 -12.88 -4.33 -1.20
N LEU B 26 -12.22 -5.15 -2.01
CA LEU B 26 -12.79 -6.41 -2.49
C LEU B 26 -12.33 -7.53 -1.57
N TYR B 27 -13.25 -8.45 -1.28
CA TYR B 27 -13.02 -9.46 -0.25
C TYR B 27 -13.67 -10.77 -0.67
N THR B 28 -12.93 -11.86 -0.57
CA THR B 28 -13.45 -13.19 -0.85
C THR B 28 -13.31 -14.06 0.41
N ALA B 29 -14.25 -14.98 0.56
CA ALA B 29 -14.30 -15.89 1.70
C ALA B 29 -15.30 -16.99 1.39
N PRO B 30 -15.14 -18.17 2.00
CA PRO B 30 -16.14 -19.22 1.84
C PRO B 30 -17.43 -18.88 2.58
N ASN B 31 -18.53 -19.49 2.12
CA ASN B 31 -19.89 -19.33 2.62
C ASN B 31 -20.15 -20.02 3.94
N GLU B 32 -19.18 -20.45 4.73
CA GLU B 32 -19.28 -21.71 5.46
C GLU B 32 -20.66 -22.00 6.03
N ASN B 33 -21.10 -21.23 7.01
CA ASN B 33 -22.43 -21.42 7.59
C ASN B 33 -23.35 -20.25 7.32
N ASN B 34 -22.91 -19.30 6.51
CA ASN B 34 -23.72 -18.15 6.16
C ASN B 34 -24.63 -18.48 4.99
N VAL B 35 -25.90 -18.08 5.11
CA VAL B 35 -26.82 -18.03 3.97
C VAL B 35 -26.64 -16.65 3.35
N VAL B 36 -26.10 -16.62 2.13
CA VAL B 36 -25.77 -15.35 1.47
C VAL B 36 -26.98 -14.98 0.63
N GLN B 37 -27.92 -14.25 1.24
CA GLN B 37 -29.20 -13.94 0.62
C GLN B 37 -29.59 -12.49 0.93
N CYS B 38 -28.63 -11.57 0.81
CA CYS B 38 -28.96 -10.16 0.98
C CYS B 38 -29.95 -9.72 -0.08
N GLN B 39 -30.81 -8.77 0.28
CA GLN B 39 -31.91 -8.35 -0.58
C GLN B 39 -31.71 -6.99 -1.23
N ASN B 40 -30.85 -6.15 -0.67
CA ASN B 40 -30.43 -4.93 -1.34
C ASN B 40 -29.21 -5.20 -2.20
N GLY B 41 -29.08 -4.46 -3.28
CA GLY B 41 -28.00 -4.69 -4.21
C GLY B 41 -28.17 -5.93 -5.06
N ARG B 42 -29.42 -6.29 -5.35
CA ARG B 42 -29.71 -7.47 -6.17
C ARG B 42 -30.27 -7.01 -7.52
N CYS B 43 -29.64 -7.47 -8.59
CA CYS B 43 -29.99 -7.06 -9.95
C CYS B 43 -29.36 -7.98 -10.98
N THR B 44 -30.14 -8.46 -11.94
CA THR B 44 -29.58 -9.28 -13.00
C THR B 44 -28.73 -8.42 -13.94
N LEU B 45 -27.88 -9.10 -14.72
CA LEU B 45 -27.03 -8.37 -15.67
C LEU B 45 -27.84 -7.69 -16.77
N ASP B 46 -29.06 -8.15 -17.05
CA ASP B 46 -29.88 -7.49 -18.03
C ASP B 46 -30.84 -6.46 -17.43
N GLY B 47 -30.63 -6.11 -16.16
CA GLY B 47 -31.27 -4.94 -15.59
C GLY B 47 -32.54 -5.17 -14.79
N GLU B 48 -32.78 -6.37 -14.28
CA GLU B 48 -33.97 -6.67 -13.48
C GLU B 48 -33.61 -6.57 -12.00
N LEU B 49 -34.13 -5.55 -11.34
CA LEU B 49 -33.99 -5.42 -9.89
C LEU B 49 -34.70 -6.59 -9.20
N GLN B 50 -34.12 -7.03 -8.08
CA GLN B 50 -34.65 -8.14 -7.31
C GLN B 50 -34.67 -7.79 -5.84
N GLY B 51 -35.45 -8.55 -5.08
CA GLY B 51 -35.47 -8.37 -3.63
C GLY B 51 -36.10 -7.05 -3.25
N THR B 52 -35.40 -6.31 -2.40
CA THR B 52 -35.82 -4.98 -1.96
C THR B 52 -35.00 -3.88 -2.62
N THR B 53 -34.39 -4.16 -3.76
CA THR B 53 -33.39 -3.27 -4.34
C THR B 53 -34.06 -2.15 -5.12
N GLN B 54 -33.62 -0.91 -4.86
CA GLN B 54 -33.98 0.23 -5.68
C GLN B 54 -32.70 1.00 -6.04
N LEU B 55 -32.84 2.19 -6.61
CA LEU B 55 -31.72 2.85 -7.27
C LEU B 55 -30.96 3.86 -6.40
N LEU B 56 -31.55 4.34 -5.31
CA LEU B 56 -30.96 5.43 -4.52
C LEU B 56 -30.28 4.87 -3.27
N SER B 57 -28.99 5.17 -3.12
CA SER B 57 -28.31 4.88 -1.86
C SER B 57 -28.94 5.65 -0.70
N SER B 58 -29.49 6.83 -0.98
CA SER B 58 -30.13 7.63 0.06
C SER B 58 -31.45 7.02 0.56
N ALA B 59 -31.91 5.94 -0.06
CA ALA B 59 -33.08 5.22 0.41
C ALA B 59 -32.73 3.91 1.08
N VAL B 60 -31.47 3.50 1.09
CA VAL B 60 -31.06 2.25 1.72
C VAL B 60 -30.93 2.48 3.23
N CYS B 61 -31.70 1.73 4.00
CA CYS B 61 -31.77 1.85 5.46
C CYS B 61 -32.32 3.21 5.90
N SER B 62 -33.00 3.91 5.00
N SER B 62 -33.00 3.92 5.00
CA SER B 62 -33.70 5.15 5.31
CA SER B 62 -33.69 5.15 5.33
C SER B 62 -35.19 4.88 5.40
C SER B 62 -35.19 4.88 5.42
N TYR B 63 -35.85 5.56 6.36
CA TYR B 63 -37.28 5.38 6.58
C TYR B 63 -37.93 6.73 6.78
N ARG B 64 -39.23 6.77 6.51
CA ARG B 64 -40.03 7.97 6.70
C ARG B 64 -41.49 7.57 6.88
N GLY B 65 -42.21 8.40 7.61
CA GLY B 65 -43.63 8.20 7.83
C GLY B 65 -44.10 8.98 9.04
N ARG B 66 -45.20 8.49 9.62
CA ARG B 66 -45.84 9.09 10.78
C ARG B 66 -45.50 8.28 12.02
N THR B 67 -45.14 8.97 13.10
CA THR B 67 -44.88 8.32 14.37
C THR B 67 -46.17 8.05 15.12
N VAL B 68 -46.26 6.88 15.74
CA VAL B 68 -47.40 6.46 16.53
C VAL B 68 -46.91 6.15 17.94
N ALA B 69 -47.57 6.73 18.93
CA ALA B 69 -47.21 6.46 20.31
C ALA B 69 -47.37 4.99 20.63
N ASN B 70 -46.36 4.41 21.28
CA ASN B 70 -46.40 3.01 21.71
C ASN B 70 -46.05 3.00 23.20
N SER B 71 -47.06 3.24 24.02
CA SER B 71 -46.91 3.10 25.46
C SER B 71 -47.27 1.68 25.87
N GLY B 72 -46.71 1.24 26.99
CA GLY B 72 -46.79 -0.17 27.34
C GLY B 72 -45.77 -1.02 26.61
N ASP B 73 -44.54 -0.53 26.49
CA ASP B 73 -43.47 -1.21 25.78
C ASP B 73 -42.15 -0.66 26.30
N ASN B 74 -41.21 -1.57 26.58
CA ASN B 74 -39.94 -1.15 27.14
C ASN B 74 -39.03 -0.53 26.08
N TRP B 75 -38.96 -1.16 24.91
CA TRP B 75 -37.97 -0.82 23.89
C TRP B 75 -38.46 0.29 22.96
N ASP B 76 -39.55 0.04 22.24
CA ASP B 76 -40.04 0.96 21.22
C ASP B 76 -41.08 1.87 21.85
N GLN B 77 -40.67 3.09 22.20
CA GLN B 77 -41.62 4.07 22.73
C GLN B 77 -42.56 4.58 21.65
N ASN B 78 -42.16 4.49 20.38
CA ASN B 78 -43.00 4.89 19.27
C ASN B 78 -42.83 3.91 18.12
N LEU B 79 -43.82 3.88 17.25
CA LEU B 79 -43.71 3.16 15.98
C LEU B 79 -43.58 4.18 14.86
N LEU B 80 -43.12 3.71 13.70
CA LEU B 80 -43.10 4.53 12.49
C LEU B 80 -43.97 3.85 11.44
N GLN B 81 -45.05 4.51 11.04
CA GLN B 81 -45.89 4.00 9.96
C GLN B 81 -45.29 4.44 8.64
N LEU B 82 -44.72 3.50 7.88
CA LEU B 82 -43.90 3.85 6.74
C LEU B 82 -44.73 4.35 5.56
N THR B 83 -44.17 5.30 4.82
CA THR B 83 -44.78 5.82 3.61
C THR B 83 -43.79 5.73 2.45
N TYR B 84 -44.34 5.72 1.23
CA TYR B 84 -43.55 5.72 0.00
C TYR B 84 -42.73 7.00 -0.08
N PRO B 85 -41.74 7.09 -1.01
CA PRO B 85 -40.87 8.28 -1.07
C PRO B 85 -41.59 9.62 -1.08
N SER B 86 -42.90 9.64 -1.34
CA SER B 86 -43.64 10.90 -1.38
C SER B 86 -44.97 10.78 -0.64
N GLY B 87 -44.96 10.12 0.52
CA GLY B 87 -46.09 10.15 1.43
C GLY B 87 -47.16 9.09 1.23
N ALA B 88 -47.14 8.37 0.10
CA ALA B 88 -48.14 7.34 -0.13
C ALA B 88 -47.89 6.14 0.78
N SER B 89 -48.98 5.59 1.33
CA SER B 89 -48.85 4.46 2.24
C SER B 89 -48.36 3.23 1.51
N TYR B 90 -47.45 2.49 2.16
CA TYR B 90 -46.87 1.30 1.54
C TYR B 90 -47.90 0.17 1.48
N ASP B 91 -47.95 -0.51 0.33
CA ASP B 91 -48.91 -1.58 0.12
C ASP B 91 -48.24 -2.92 0.46
N PRO B 92 -48.65 -3.59 1.54
CA PRO B 92 -48.03 -4.89 1.87
C PRO B 92 -48.31 -5.99 0.87
N THR B 93 -49.22 -5.79 -0.08
CA THR B 93 -49.56 -6.84 -1.03
C THR B 93 -48.62 -6.89 -2.23
N ASP B 94 -47.66 -5.98 -2.32
CA ASP B 94 -46.68 -6.06 -3.41
C ASP B 94 -45.81 -7.31 -3.24
N GLU B 95 -45.38 -7.86 -4.37
CA GLU B 95 -44.59 -9.09 -4.37
C GLU B 95 -43.11 -8.78 -4.11
N VAL B 96 -42.85 -8.21 -2.93
CA VAL B 96 -41.51 -7.89 -2.47
C VAL B 96 -41.39 -8.33 -1.01
N PRO B 97 -40.16 -8.61 -0.57
CA PRO B 97 -39.99 -9.01 0.84
C PRO B 97 -40.39 -7.94 1.83
N ALA B 98 -40.23 -6.68 1.46
CA ALA B 98 -40.38 -5.53 2.35
C ALA B 98 -40.27 -4.27 1.50
N PRO B 99 -40.56 -3.08 2.05
CA PRO B 99 -40.36 -1.85 1.27
C PRO B 99 -38.95 -1.77 0.71
N LEU B 100 -38.85 -1.27 -0.52
CA LEU B 100 -37.54 -1.20 -1.17
C LEU B 100 -36.61 -0.32 -0.34
N GLY B 101 -35.40 -0.83 -0.10
CA GLY B 101 -34.42 -0.14 0.72
C GLY B 101 -34.39 -0.56 2.17
N THR B 102 -35.36 -1.37 2.61
CA THR B 102 -35.37 -1.86 3.98
C THR B 102 -34.06 -2.57 4.30
N GLN B 103 -33.59 -2.36 5.53
CA GLN B 103 -32.37 -3.02 5.99
C GLN B 103 -32.49 -4.53 5.83
N ASP B 104 -31.41 -5.16 5.35
CA ASP B 104 -31.43 -6.59 5.10
C ASP B 104 -30.41 -7.33 5.96
N PHE B 105 -30.14 -6.81 7.16
CA PHE B 105 -29.30 -7.46 8.13
C PHE B 105 -30.03 -7.51 9.47
N SER B 106 -29.70 -8.52 10.28
CA SER B 106 -30.29 -8.67 11.60
C SER B 106 -29.48 -7.93 12.63
N GLY B 107 -30.18 -7.31 13.57
CA GLY B 107 -29.56 -6.58 14.65
C GLY B 107 -30.09 -5.16 14.76
N ILE B 108 -29.25 -4.26 15.27
CA ILE B 108 -29.64 -2.88 15.56
C ILE B 108 -29.08 -1.96 14.48
N LEU B 109 -29.97 -1.15 13.90
CA LEU B 109 -29.62 -0.04 13.04
C LEU B 109 -29.77 1.25 13.83
N TYR B 110 -28.73 2.10 13.79
CA TYR B 110 -28.73 3.37 14.48
C TYR B 110 -28.81 4.52 13.48
N GLY B 111 -29.60 5.52 13.82
CA GLY B 111 -29.68 6.72 13.01
C GLY B 111 -30.37 7.83 13.78
N VAL B 112 -30.69 8.89 13.05
CA VAL B 112 -31.26 10.10 13.64
C VAL B 112 -32.64 10.33 13.01
N LEU B 113 -33.65 10.43 13.87
CA LEU B 113 -35.00 10.78 13.43
C LEU B 113 -35.18 12.29 13.53
N THR B 114 -35.69 12.90 12.44
CA THR B 114 -36.07 14.30 12.44
C THR B 114 -37.58 14.41 12.25
N GLN B 115 -38.16 15.47 12.81
CA GLN B 115 -39.61 15.62 12.91
C GLN B 115 -39.94 17.07 12.59
N ASP B 116 -41.12 17.53 13.00
CA ASP B 116 -41.48 18.93 12.85
C ASP B 116 -40.35 19.84 13.33
N ASN B 117 -40.02 20.83 12.51
CA ASN B 117 -39.00 21.80 12.88
C ASN B 117 -39.41 22.55 14.15
N VAL B 118 -38.42 22.87 14.98
CA VAL B 118 -38.64 23.59 16.23
C VAL B 118 -38.05 24.98 16.10
N SER B 119 -38.43 25.86 17.03
CA SER B 119 -37.90 27.21 17.04
C SER B 119 -36.41 27.20 17.39
N GLU B 120 -35.72 28.27 16.98
CA GLU B 120 -34.30 28.40 17.30
C GLU B 120 -34.06 28.33 18.80
N GLY B 121 -34.90 29.00 19.59
CA GLY B 121 -34.74 29.05 21.03
C GLY B 121 -35.06 27.76 21.75
N THR B 122 -35.59 26.76 21.05
CA THR B 122 -35.87 25.48 21.70
C THR B 122 -34.60 24.77 22.13
N GLY B 123 -33.52 24.91 21.36
CA GLY B 123 -32.25 24.32 21.75
C GLY B 123 -31.48 23.69 20.62
N GLU B 124 -30.22 23.32 20.87
CA GLU B 124 -29.38 22.77 19.82
C GLU B 124 -29.78 21.32 19.51
N ALA B 125 -30.01 21.04 18.22
CA ALA B 125 -30.36 19.70 17.76
C ALA B 125 -31.59 19.16 18.48
N LYS B 126 -32.55 20.05 18.76
CA LYS B 126 -33.77 19.65 19.45
C LYS B 126 -34.73 18.90 18.54
N ASN B 127 -34.56 19.01 17.22
CA ASN B 127 -35.30 18.19 16.26
C ASN B 127 -34.44 17.07 15.70
N ALA B 128 -33.55 16.52 16.51
CA ALA B 128 -32.73 15.37 16.13
C ALA B 128 -32.83 14.35 17.25
N LYS B 129 -33.27 13.13 16.93
CA LYS B 129 -33.53 12.10 17.92
C LYS B 129 -32.74 10.84 17.55
N GLY B 130 -31.73 10.51 18.35
CA GLY B 130 -31.00 9.27 18.13
C GLY B 130 -31.88 8.08 18.49
N VAL B 131 -32.00 7.14 17.55
CA VAL B 131 -32.92 6.02 17.74
C VAL B 131 -32.28 4.72 17.31
N TYR B 132 -32.68 3.64 17.96
CA TYR B 132 -32.34 2.28 17.56
C TYR B 132 -33.53 1.66 16.84
N ILE B 133 -33.28 1.04 15.69
CA ILE B 133 -34.27 0.22 14.99
C ILE B 133 -33.75 -1.21 15.04
N SER B 134 -34.30 -2.00 15.97
CA SER B 134 -33.85 -3.38 16.18
C SER B 134 -34.76 -4.35 15.45
N THR B 135 -34.15 -5.24 14.66
CA THR B 135 -34.91 -6.24 13.91
C THR B 135 -35.39 -7.39 14.79
N THR B 136 -34.92 -7.51 16.02
CA THR B 136 -35.41 -8.54 16.92
C THR B 136 -36.58 -8.06 17.78
N SER B 137 -36.97 -6.79 17.67
CA SER B 137 -38.18 -6.32 18.31
C SER B 137 -39.40 -6.88 17.60
N GLY B 138 -40.43 -7.20 18.39
CA GLY B 138 -41.69 -7.62 17.81
C GLY B 138 -42.35 -6.56 16.96
N LYS B 139 -41.91 -5.30 17.09
CA LYS B 139 -42.46 -4.20 16.31
C LYS B 139 -41.75 -4.01 14.97
N PHE B 140 -40.71 -4.78 14.68
CA PHE B 140 -40.06 -4.70 13.37
C PHE B 140 -40.89 -5.50 12.38
N THR B 141 -41.84 -4.81 11.74
CA THR B 141 -42.72 -5.42 10.73
C THR B 141 -42.77 -4.53 9.49
N PRO B 142 -41.63 -4.28 8.85
CA PRO B 142 -41.67 -3.37 7.69
C PRO B 142 -42.54 -3.89 6.56
N LYS B 143 -42.71 -5.21 6.44
CA LYS B 143 -43.53 -5.76 5.37
C LYS B 143 -44.98 -5.30 5.45
N ILE B 144 -45.49 -5.05 6.66
CA ILE B 144 -46.84 -4.52 6.82
C ILE B 144 -46.81 -3.02 7.09
N GLY B 145 -45.66 -2.38 6.94
CA GLY B 145 -45.59 -0.93 6.95
C GLY B 145 -45.39 -0.27 8.30
N SER B 146 -44.79 -0.98 9.27
CA SER B 146 -44.56 -0.41 10.59
C SER B 146 -43.28 -0.98 11.19
N ILE B 147 -42.49 -0.09 11.79
CA ILE B 147 -41.28 -0.47 12.50
C ILE B 147 -41.26 0.23 13.85
N GLY B 148 -40.53 -0.36 14.79
CA GLY B 148 -40.42 0.20 16.12
C GLY B 148 -39.17 1.06 16.27
N LEU B 149 -39.33 2.20 16.92
CA LEU B 149 -38.25 3.15 17.18
C LEU B 149 -37.93 3.14 18.67
N HIS B 150 -36.69 2.84 19.02
CA HIS B 150 -36.20 2.92 20.39
C HIS B 150 -35.39 4.21 20.52
N SER B 151 -35.95 5.19 21.20
N SER B 151 -35.94 5.20 21.21
CA SER B 151 -35.29 6.48 21.37
CA SER B 151 -35.29 6.49 21.36
C SER B 151 -34.16 6.37 22.37
C SER B 151 -34.17 6.41 22.39
N ILE B 152 -33.02 7.00 22.04
CA ILE B 152 -31.88 7.08 22.93
C ILE B 152 -31.68 8.49 23.45
N THR B 153 -31.61 9.46 22.53
CA THR B 153 -31.51 10.88 22.85
C THR B 153 -32.74 11.59 22.31
N GLU B 154 -33.20 12.63 23.02
CA GLU B 154 -34.23 13.50 22.48
C GLU B 154 -35.56 12.81 22.20
N ASN B 155 -36.39 12.68 23.24
CA ASN B 155 -37.76 12.16 23.15
C ASN B 155 -38.43 12.41 21.80
N VAL B 156 -38.99 11.35 21.24
CA VAL B 156 -39.64 11.38 19.93
C VAL B 156 -41.11 11.71 20.10
N HIS B 157 -41.62 12.63 19.26
CA HIS B 157 -43.00 13.08 19.36
C HIS B 157 -43.92 12.21 18.50
N PRO B 158 -45.11 11.85 18.99
CA PRO B 158 -46.06 11.09 18.18
C PRO B 158 -46.83 11.99 17.21
N ASN B 159 -47.38 11.34 16.19
CA ASN B 159 -48.26 11.99 15.22
C ASN B 159 -47.56 13.14 14.47
N GLN B 160 -46.30 12.91 14.09
CA GLN B 160 -45.56 13.88 13.30
C GLN B 160 -44.89 13.17 12.13
N GLN B 161 -44.87 13.84 10.98
CA GLN B 161 -44.16 13.33 9.83
C GLN B 161 -42.67 13.32 10.13
N SER B 162 -42.04 12.14 10.04
CA SER B 162 -40.67 11.96 10.53
C SER B 162 -39.83 11.25 9.48
N ARG B 163 -38.53 11.54 9.50
CA ARG B 163 -37.58 10.91 8.60
C ARG B 163 -36.45 10.30 9.41
N PHE B 164 -36.03 9.10 9.02
CA PHE B 164 -34.93 8.42 9.71
C PHE B 164 -33.71 8.42 8.80
N THR B 165 -32.61 8.98 9.29
CA THR B 165 -31.36 8.99 8.54
C THR B 165 -30.41 7.97 9.13
N PRO B 166 -29.99 6.94 8.40
CA PRO B 166 -29.09 5.94 9.00
C PRO B 166 -27.67 6.48 9.18
N VAL B 167 -27.05 6.07 10.30
CA VAL B 167 -25.66 6.41 10.59
C VAL B 167 -24.79 5.18 10.69
N GLY B 168 -25.26 4.15 11.38
CA GLY B 168 -24.49 2.93 11.50
C GLY B 168 -25.30 1.82 12.14
N VAL B 169 -24.60 0.83 12.66
CA VAL B 169 -25.22 -0.28 13.36
C VAL B 169 -24.80 -0.23 14.82
N ALA B 170 -25.40 -1.10 15.63
CA ALA B 170 -25.06 -1.23 17.03
C ALA B 170 -25.19 -2.68 17.43
N GLN B 171 -24.47 -3.04 18.48
CA GLN B 171 -24.56 -4.37 19.07
C GLN B 171 -24.56 -4.18 20.58
N ASN B 172 -25.66 -4.56 21.22
CA ASN B 172 -25.73 -4.56 22.68
C ASN B 172 -25.58 -5.99 23.19
N GLU B 173 -25.81 -6.18 24.48
CA GLU B 173 -25.46 -7.43 25.15
C GLU B 173 -26.17 -8.64 24.55
N ASN B 174 -27.38 -8.47 24.00
CA ASN B 174 -28.14 -9.63 23.54
C ASN B 174 -28.65 -9.50 22.09
N THR B 175 -28.13 -8.57 21.31
N THR B 175 -28.09 -8.60 21.30
CA THR B 175 -28.51 -8.41 19.91
CA THR B 175 -28.52 -8.42 19.91
C THR B 175 -27.24 -8.30 19.07
C THR B 175 -27.27 -8.29 19.04
N PRO B 176 -26.72 -9.42 18.59
CA PRO B 176 -25.52 -9.35 17.75
C PRO B 176 -25.84 -8.85 16.35
N PHE B 177 -24.88 -8.17 15.75
CA PHE B 177 -25.00 -7.71 14.37
C PHE B 177 -24.67 -8.87 13.44
N GLN B 178 -25.67 -9.30 12.65
CA GLN B 178 -25.57 -10.49 11.81
C GLN B 178 -25.97 -10.10 10.38
N GLN B 179 -24.97 -9.74 9.57
CA GLN B 179 -25.25 -9.18 8.25
C GLN B 179 -25.85 -10.20 7.29
N TRP B 180 -25.70 -11.50 7.54
CA TRP B 180 -26.19 -12.51 6.62
C TRP B 180 -27.43 -13.23 7.12
N VAL B 181 -27.99 -12.83 8.26
CA VAL B 181 -29.28 -13.33 8.73
C VAL B 181 -30.32 -12.28 8.38
N LEU B 182 -31.20 -12.62 7.45
CA LEU B 182 -32.24 -11.69 7.06
C LEU B 182 -33.17 -11.41 8.24
N PRO B 183 -33.60 -10.17 8.43
CA PRO B 183 -34.57 -9.89 9.51
C PRO B 183 -35.93 -10.45 9.15
N HIS B 184 -36.77 -10.60 10.17
CA HIS B 184 -38.14 -11.06 9.93
C HIS B 184 -38.96 -9.85 9.48
N TYR B 185 -39.07 -9.68 8.17
CA TYR B 185 -39.73 -8.51 7.61
C TYR B 185 -41.20 -8.44 8.04
N ALA B 186 -41.83 -9.59 8.30
CA ALA B 186 -43.24 -9.63 8.65
C ALA B 186 -43.49 -9.77 10.14
N GLY B 187 -42.44 -9.68 10.96
CA GLY B 187 -42.57 -9.76 12.40
C GLY B 187 -42.08 -11.10 12.93
N ALA B 188 -42.10 -11.20 14.26
CA ALA B 188 -41.61 -12.40 14.93
C ALA B 188 -42.46 -13.62 14.54
N LEU B 189 -41.78 -14.76 14.38
CA LEU B 189 -42.38 -16.05 14.03
C LEU B 189 -42.91 -16.09 12.60
N ALA B 190 -42.69 -15.05 11.80
CA ALA B 190 -43.12 -15.02 10.41
C ALA B 190 -41.92 -15.16 9.49
N LEU B 191 -42.10 -15.91 8.40
CA LEU B 191 -41.03 -16.20 7.46
C LEU B 191 -41.07 -15.23 6.27
N ASN B 192 -39.91 -15.04 5.65
CA ASN B 192 -39.76 -14.05 4.57
C ASN B 192 -40.17 -14.63 3.23
N THR B 193 -40.74 -13.76 2.39
CA THR B 193 -41.30 -14.17 1.11
C THR B 193 -40.77 -13.28 -0.02
N ASN B 194 -40.92 -13.77 -1.25
CA ASN B 194 -40.57 -13.02 -2.46
C ASN B 194 -39.10 -12.63 -2.49
N LEU B 195 -38.25 -13.44 -1.86
CA LEU B 195 -36.84 -13.10 -1.67
C LEU B 195 -36.04 -13.31 -2.94
N ALA B 196 -35.08 -12.42 -3.17
CA ALA B 196 -34.04 -12.72 -4.13
C ALA B 196 -33.31 -13.98 -3.67
N PRO B 197 -32.91 -14.86 -4.60
CA PRO B 197 -32.37 -16.16 -4.18
C PRO B 197 -31.03 -16.02 -3.48
N ALA B 198 -30.75 -17.00 -2.62
CA ALA B 198 -29.42 -17.11 -2.02
C ALA B 198 -28.40 -17.49 -3.08
N VAL B 199 -27.16 -17.06 -2.88
CA VAL B 199 -26.09 -17.27 -3.86
C VAL B 199 -24.95 -18.03 -3.19
N ALA B 200 -24.24 -18.80 -4.00
CA ALA B 200 -23.15 -19.63 -3.51
C ALA B 200 -22.30 -20.08 -4.70
N PRO B 201 -21.01 -20.30 -4.51
CA PRO B 201 -20.22 -20.88 -5.59
C PRO B 201 -20.62 -22.33 -5.85
N THR B 202 -20.62 -22.69 -7.13
CA THR B 202 -21.01 -24.04 -7.55
C THR B 202 -19.93 -24.77 -8.34
N PHE B 203 -18.85 -24.09 -8.73
CA PHE B 203 -17.71 -24.66 -9.43
C PHE B 203 -16.60 -24.96 -8.44
N PRO B 204 -15.88 -26.07 -8.62
CA PRO B 204 -14.85 -26.45 -7.64
C PRO B 204 -13.76 -25.40 -7.52
N GLY B 205 -13.44 -25.04 -6.27
CA GLY B 205 -12.39 -24.08 -5.99
C GLY B 205 -12.80 -22.64 -6.01
N GLU B 206 -14.08 -22.34 -6.24
CA GLU B 206 -14.53 -20.96 -6.36
C GLU B 206 -15.15 -20.48 -5.06
N GLU B 207 -15.11 -19.16 -4.88
CA GLU B 207 -15.71 -18.48 -3.74
C GLU B 207 -16.40 -17.22 -4.24
N LEU B 208 -17.36 -16.75 -3.46
CA LEU B 208 -17.99 -15.46 -3.75
C LEU B 208 -16.97 -14.34 -3.58
N LEU B 209 -17.14 -13.29 -4.37
CA LEU B 209 -16.37 -12.05 -4.24
C LEU B 209 -17.30 -10.95 -3.77
N PHE B 210 -16.91 -10.23 -2.71
CA PHE B 210 -17.75 -9.21 -2.12
C PHE B 210 -17.13 -7.83 -2.29
N PHE B 211 -18.01 -6.83 -2.39
CA PHE B 211 -17.61 -5.42 -2.27
C PHE B 211 -17.82 -5.03 -0.80
N ARG B 212 -16.71 -4.79 -0.10
CA ARG B 212 -16.72 -4.74 1.37
C ARG B 212 -16.58 -3.31 1.88
N SER B 213 -17.42 -2.96 2.85
CA SER B 213 -17.32 -1.69 3.56
C SER B 213 -17.33 -1.94 5.07
N ARG B 214 -16.77 -1.00 5.82
CA ARG B 214 -16.88 -0.99 7.27
C ARG B 214 -17.95 0.02 7.67
N VAL B 215 -19.01 -0.45 8.32
CA VAL B 215 -20.10 0.43 8.75
C VAL B 215 -19.77 0.96 10.14
N PRO B 216 -20.03 2.23 10.43
CA PRO B 216 -19.83 2.72 11.79
C PRO B 216 -20.67 1.93 12.79
N CYS B 217 -20.07 1.66 13.94
CA CYS B 217 -20.74 0.92 15.01
C CYS B 217 -20.76 1.83 16.24
N VAL B 218 -21.96 2.22 16.67
CA VAL B 218 -22.11 3.18 17.76
C VAL B 218 -22.19 2.50 19.12
N GLN B 219 -22.17 1.17 19.18
CA GLN B 219 -22.14 0.44 20.44
C GLN B 219 -21.66 -0.98 20.17
N GLY B 220 -20.63 -1.40 20.90
CA GLY B 220 -20.11 -2.74 20.78
C GLY B 220 -19.05 -2.88 19.71
N LEU B 221 -18.61 -4.12 19.53
CA LEU B 221 -17.58 -4.48 18.57
C LEU B 221 -16.29 -3.69 18.83
N ARG B 222 -15.95 -3.54 20.10
CA ARG B 222 -14.67 -2.93 20.45
C ARG B 222 -13.52 -3.73 19.87
N GLY B 223 -12.58 -3.03 19.23
CA GLY B 223 -11.41 -3.66 18.64
C GLY B 223 -11.75 -4.52 17.45
N GLN B 224 -12.98 -4.40 16.97
CA GLN B 224 -13.47 -5.17 15.84
C GLN B 224 -14.10 -4.24 14.84
N ASP B 225 -14.38 -4.78 13.65
CA ASP B 225 -14.98 -4.05 12.56
C ASP B 225 -16.37 -4.59 12.26
N ALA B 226 -17.31 -3.69 12.02
CA ALA B 226 -18.65 -4.05 11.55
C ALA B 226 -18.64 -4.02 10.03
N PHE B 227 -18.50 -5.19 9.41
CA PHE B 227 -18.42 -5.30 7.96
C PHE B 227 -19.81 -5.44 7.35
N ILE B 228 -20.01 -4.79 6.21
CA ILE B 228 -21.17 -5.00 5.36
C ILE B 228 -20.65 -5.31 3.96
N ASP B 229 -20.96 -6.52 3.47
CA ASP B 229 -20.48 -6.98 2.19
C ASP B 229 -21.67 -7.11 1.24
N CYS B 230 -21.56 -6.50 0.07
CA CYS B 230 -22.60 -6.60 -0.94
C CYS B 230 -22.09 -7.35 -2.17
N LEU B 231 -23.03 -7.89 -2.93
CA LEU B 231 -22.68 -8.65 -4.13
C LEU B 231 -22.44 -7.75 -5.33
N LEU B 232 -23.09 -6.59 -5.36
CA LEU B 232 -22.94 -5.60 -6.42
C LEU B 232 -22.96 -4.23 -5.76
N PRO B 233 -22.06 -3.34 -6.15
CA PRO B 233 -22.18 -1.94 -5.71
C PRO B 233 -23.39 -1.29 -6.36
N GLN B 234 -23.86 -0.21 -5.73
CA GLN B 234 -25.06 0.47 -6.21
C GLN B 234 -24.88 0.95 -7.65
N GLU B 235 -23.67 1.37 -8.01
CA GLU B 235 -23.45 1.91 -9.36
C GLU B 235 -23.54 0.82 -10.43
N TRP B 236 -23.19 -0.42 -10.09
CA TRP B 236 -23.41 -1.51 -11.05
C TRP B 236 -24.89 -1.82 -11.19
N VAL B 237 -25.61 -1.91 -10.07
CA VAL B 237 -27.06 -2.10 -10.11
C VAL B 237 -27.71 -1.06 -11.03
N ASN B 238 -27.36 0.22 -10.82
CA ASN B 238 -27.98 1.28 -11.60
C ASN B 238 -27.55 1.25 -13.06
N HIS B 239 -26.31 0.85 -13.33
CA HIS B 239 -25.86 0.76 -14.71
C HIS B 239 -26.59 -0.35 -15.46
N PHE B 240 -26.77 -1.52 -14.82
CA PHE B 240 -27.50 -2.60 -15.46
C PHE B 240 -28.97 -2.20 -15.66
N TYR B 241 -29.54 -1.48 -14.70
CA TYR B 241 -30.92 -1.02 -14.85
C TYR B 241 -31.06 -0.08 -16.04
N GLN B 242 -30.14 0.88 -16.18
CA GLN B 242 -30.20 1.82 -17.29
C GLN B 242 -29.99 1.13 -18.63
N GLU B 243 -28.96 0.27 -18.71
CA GLU B 243 -28.57 -0.30 -20.01
C GLU B 243 -29.53 -1.40 -20.47
N ALA B 244 -29.93 -2.29 -19.56
CA ALA B 244 -30.79 -3.43 -19.90
C ALA B 244 -30.25 -4.21 -21.10
N ALA B 245 -28.94 -4.43 -21.10
CA ALA B 245 -28.31 -5.17 -22.17
C ALA B 245 -28.65 -6.65 -22.03
N PRO B 246 -29.11 -7.31 -23.08
CA PRO B 246 -29.49 -8.73 -22.96
C PRO B 246 -28.27 -9.60 -22.68
N SER B 247 -28.43 -10.51 -21.71
CA SER B 247 -27.37 -11.44 -21.36
C SER B 247 -27.29 -12.54 -22.42
N GLN B 248 -26.07 -12.81 -22.90
CA GLN B 248 -25.85 -13.77 -23.98
C GLN B 248 -25.37 -15.13 -23.49
N ALA B 249 -25.07 -15.27 -22.19
CA ALA B 249 -24.58 -16.51 -21.64
C ALA B 249 -24.80 -16.49 -20.13
N ASP B 250 -24.45 -17.60 -19.47
CA ASP B 250 -24.65 -17.70 -18.02
C ASP B 250 -23.73 -16.77 -17.26
N VAL B 251 -22.54 -16.49 -17.79
CA VAL B 251 -21.50 -15.78 -17.06
C VAL B 251 -20.85 -14.73 -17.96
N ALA B 252 -20.61 -13.55 -17.40
CA ALA B 252 -19.82 -12.52 -18.05
C ALA B 252 -18.41 -12.59 -17.47
N LEU B 253 -17.46 -13.06 -18.27
CA LEU B 253 -16.08 -13.10 -17.81
C LEU B 253 -15.56 -11.68 -17.70
N ILE B 254 -15.12 -11.29 -16.51
CA ILE B 254 -14.63 -9.94 -16.27
C ILE B 254 -13.18 -10.00 -15.80
N ARG B 255 -12.38 -9.04 -16.23
CA ARG B 255 -10.97 -8.96 -15.87
C ARG B 255 -10.71 -7.68 -15.09
N TYR B 256 -9.94 -7.79 -14.01
CA TYR B 256 -9.56 -6.63 -13.21
C TYR B 256 -8.24 -6.08 -13.77
N VAL B 257 -8.28 -4.86 -14.29
CA VAL B 257 -7.15 -4.31 -15.04
C VAL B 257 -6.63 -3.06 -14.35
N ASN B 258 -5.32 -2.86 -14.46
CA ASN B 258 -4.69 -1.61 -14.03
C ASN B 258 -4.49 -0.76 -15.28
N PRO B 259 -5.16 0.39 -15.41
CA PRO B 259 -5.14 1.11 -16.69
C PRO B 259 -3.80 1.75 -17.02
N ASP B 260 -3.00 2.16 -16.03
CA ASP B 260 -1.75 2.83 -16.34
C ASP B 260 -0.56 1.87 -16.40
N THR B 261 -0.72 0.63 -15.96
CA THR B 261 0.27 -0.40 -16.26
C THR B 261 -0.18 -1.35 -17.37
N GLY B 262 -1.47 -1.35 -17.69
CA GLY B 262 -2.00 -2.11 -18.80
C GLY B 262 -2.12 -3.60 -18.57
N ARG B 263 -1.90 -4.08 -17.35
CA ARG B 263 -1.89 -5.50 -17.07
C ARG B 263 -3.15 -5.94 -16.33
N THR B 264 -3.56 -7.17 -16.61
CA THR B 264 -4.69 -7.78 -15.91
C THR B 264 -4.20 -8.42 -14.63
N LEU B 265 -4.83 -8.07 -13.51
CA LEU B 265 -4.36 -8.54 -12.21
C LEU B 265 -5.02 -9.85 -11.79
N PHE B 266 -6.30 -10.02 -12.11
CA PHE B 266 -7.00 -11.29 -11.90
C PHE B 266 -8.28 -11.25 -12.74
N GLU B 267 -8.97 -12.39 -12.79
CA GLU B 267 -10.23 -12.49 -13.52
C GLU B 267 -11.28 -13.13 -12.63
N ALA B 268 -12.54 -12.98 -13.03
CA ALA B 268 -13.65 -13.44 -12.21
C ALA B 268 -14.85 -13.73 -13.08
N LYS B 269 -15.82 -14.42 -12.50
CA LYS B 269 -17.07 -14.77 -13.17
C LYS B 269 -18.18 -13.88 -12.65
N LEU B 270 -18.75 -13.06 -13.52
CA LEU B 270 -19.91 -12.25 -13.19
C LEU B 270 -21.14 -13.00 -13.71
N HIS B 271 -21.88 -13.64 -12.81
CA HIS B 271 -23.01 -14.47 -13.19
C HIS B 271 -24.20 -13.63 -13.59
N ARG B 272 -25.03 -14.18 -14.49
CA ARG B 272 -26.11 -13.40 -15.07
C ARG B 272 -27.14 -12.96 -14.05
N SER B 273 -27.24 -13.65 -12.91
CA SER B 273 -28.18 -13.26 -11.87
C SER B 273 -27.63 -12.19 -10.93
N GLY B 274 -26.40 -11.73 -11.16
CA GLY B 274 -25.88 -10.59 -10.42
C GLY B 274 -25.01 -10.86 -9.21
N PHE B 275 -23.98 -11.69 -9.37
CA PHE B 275 -22.97 -11.87 -8.32
C PHE B 275 -21.69 -12.39 -8.97
N ILE B 276 -20.60 -12.35 -8.20
CA ILE B 276 -19.27 -12.63 -8.71
C ILE B 276 -18.65 -13.80 -7.96
N THR B 277 -17.97 -14.68 -8.68
CA THR B 277 -17.16 -15.71 -8.07
C THR B 277 -15.72 -15.61 -8.58
N VAL B 278 -14.78 -16.03 -7.74
CA VAL B 278 -13.36 -16.04 -8.06
C VAL B 278 -12.80 -17.41 -7.69
N SER B 279 -11.66 -17.74 -8.28
CA SER B 279 -10.96 -18.99 -7.99
C SER B 279 -9.97 -18.71 -6.86
N HIS B 280 -10.38 -18.99 -5.63
CA HIS B 280 -9.55 -18.77 -4.45
C HIS B 280 -10.09 -19.62 -3.31
N THR B 281 -9.19 -19.95 -2.38
CA THR B 281 -9.54 -20.74 -1.21
C THR B 281 -9.09 -20.00 0.04
N GLY B 282 -10.05 -19.60 0.85
CA GLY B 282 -9.78 -18.95 2.11
C GLY B 282 -10.26 -17.51 2.14
N ALA B 283 -10.39 -17.00 3.35
CA ALA B 283 -10.75 -15.61 3.54
C ALA B 283 -9.58 -14.71 3.15
N TYR B 284 -9.84 -13.74 2.29
CA TYR B 284 -8.74 -12.96 1.73
C TYR B 284 -9.19 -11.58 1.26
N PRO B 285 -8.68 -10.50 1.89
CA PRO B 285 -8.86 -9.16 1.32
C PRO B 285 -7.95 -8.97 0.12
N LEU B 286 -8.53 -8.66 -1.03
CA LEU B 286 -7.77 -8.63 -2.27
C LEU B 286 -6.80 -7.45 -2.29
N VAL B 287 -5.54 -7.73 -2.66
CA VAL B 287 -4.51 -6.72 -2.75
C VAL B 287 -4.48 -6.23 -4.20
N VAL B 288 -5.10 -5.07 -4.44
CA VAL B 288 -5.16 -4.49 -5.78
C VAL B 288 -4.89 -3.00 -5.70
N PRO B 289 -4.31 -2.43 -6.75
CA PRO B 289 -3.98 -1.00 -6.73
C PRO B 289 -5.22 -0.14 -6.75
N PRO B 290 -5.14 1.10 -6.27
CA PRO B 290 -6.36 1.93 -6.12
C PRO B 290 -6.94 2.39 -7.44
N ASN B 291 -6.20 2.33 -8.55
CA ASN B 291 -6.72 2.80 -9.83
C ASN B 291 -7.28 1.67 -10.70
N GLY B 292 -7.34 0.44 -10.17
CA GLY B 292 -7.84 -0.66 -10.97
C GLY B 292 -9.36 -0.70 -11.06
N HIS B 293 -9.85 -1.45 -12.02
CA HIS B 293 -11.29 -1.60 -12.23
C HIS B 293 -11.56 -2.84 -13.07
N PHE B 294 -12.76 -3.38 -12.90
CA PHE B 294 -13.18 -4.53 -13.69
C PHE B 294 -13.53 -4.11 -15.12
N ARG B 295 -13.24 -5.01 -16.06
CA ARG B 295 -13.53 -4.81 -17.47
C ARG B 295 -14.24 -6.04 -18.00
N PHE B 296 -15.32 -5.84 -18.76
CA PHE B 296 -16.06 -6.97 -19.33
C PHE B 296 -15.27 -7.57 -20.47
N ASP B 297 -14.96 -8.87 -20.37
CA ASP B 297 -14.15 -9.53 -21.39
C ASP B 297 -15.00 -10.23 -22.44
N SER B 298 -15.84 -11.17 -22.02
CA SER B 298 -16.58 -12.02 -22.95
C SER B 298 -17.66 -12.78 -22.20
N TRP B 299 -18.52 -13.44 -22.96
CA TRP B 299 -19.59 -14.29 -22.43
C TRP B 299 -19.11 -15.74 -22.44
N VAL B 300 -19.16 -16.38 -21.26
CA VAL B 300 -18.78 -17.77 -21.09
C VAL B 300 -19.90 -18.48 -20.33
N ASN B 301 -19.85 -19.81 -20.35
CA ASN B 301 -20.80 -20.61 -19.58
C ASN B 301 -20.30 -20.76 -18.15
N GLN B 302 -21.12 -21.39 -17.31
CA GLN B 302 -20.80 -21.51 -15.89
C GLN B 302 -19.66 -22.49 -15.62
N PHE B 303 -19.26 -23.29 -16.60
CA PHE B 303 -18.20 -24.27 -16.42
C PHE B 303 -16.84 -23.74 -16.85
N TYR B 304 -16.73 -22.44 -17.12
CA TYR B 304 -15.44 -21.84 -17.41
C TYR B 304 -14.51 -21.99 -16.22
N SER B 305 -13.25 -22.33 -16.49
CA SER B 305 -12.25 -22.54 -15.45
C SER B 305 -11.41 -21.27 -15.32
N LEU B 306 -11.63 -20.53 -14.23
CA LEU B 306 -10.88 -19.30 -13.99
C LEU B 306 -9.43 -19.60 -13.66
N ALA B 307 -8.56 -18.67 -14.03
CA ALA B 307 -7.20 -18.69 -13.54
C ALA B 307 -7.23 -18.41 -12.04
N PRO B 308 -6.49 -19.17 -11.23
CA PRO B 308 -6.51 -18.97 -9.78
C PRO B 308 -6.12 -17.55 -9.40
N MET B 309 -6.93 -16.95 -8.53
CA MET B 309 -6.66 -15.61 -8.04
C MET B 309 -5.90 -15.69 -6.71
N THR C 1 13.41 -2.52 31.39
CA THR C 1 13.05 -2.51 29.98
C THR C 1 14.26 -2.24 29.10
N LYS C 2 14.56 -3.17 28.19
CA LYS C 2 15.71 -3.03 27.31
C LYS C 2 15.57 -1.77 26.45
N PRO C 3 16.52 -0.84 26.52
CA PRO C 3 16.36 0.41 25.77
C PRO C 3 16.49 0.20 24.27
N PHE C 4 15.64 0.90 23.52
CA PHE C 4 15.71 0.88 22.07
C PHE C 4 16.91 1.71 21.60
N THR C 5 17.64 1.18 20.61
CA THR C 5 18.83 1.85 20.09
C THR C 5 18.88 1.70 18.58
N LEU C 6 19.61 2.61 17.95
CA LEU C 6 20.00 2.50 16.55
C LEU C 6 21.48 2.18 16.45
N PRO C 7 21.90 1.44 15.42
CA PRO C 7 23.33 1.29 15.18
C PRO C 7 23.92 2.59 14.70
N ILE C 8 25.17 2.86 15.11
CA ILE C 8 25.87 4.08 14.74
C ILE C 8 26.59 3.81 13.42
N LEU C 9 25.96 4.19 12.32
CA LEU C 9 26.49 3.95 10.99
C LEU C 9 26.15 5.13 10.10
N THR C 10 27.13 5.56 9.30
CA THR C 10 26.91 6.63 8.33
C THR C 10 26.25 6.07 7.08
N ILE C 11 25.86 6.99 6.18
CA ILE C 11 25.15 6.59 4.96
C ILE C 11 25.96 5.58 4.16
N SER C 12 27.26 5.84 4.00
CA SER C 12 28.12 4.94 3.24
C SER C 12 28.44 3.65 4.00
N GLU C 13 28.00 3.52 5.25
CA GLU C 13 28.15 2.29 6.02
C GLU C 13 26.84 1.51 6.12
N LEU C 14 25.89 1.78 5.21
CA LEU C 14 24.60 1.11 5.21
C LEU C 14 24.37 0.40 3.88
N THR C 15 23.65 -0.71 3.93
CA THR C 15 23.35 -1.53 2.76
C THR C 15 21.86 -1.46 2.45
N ASN C 16 21.55 -1.34 1.16
CA ASN C 16 20.14 -1.42 0.75
C ASN C 16 19.57 -2.78 1.08
N SER C 17 18.37 -2.79 1.65
CA SER C 17 17.71 -4.02 2.04
C SER C 17 16.94 -4.67 0.90
N ARG C 18 16.80 -3.98 -0.24
CA ARG C 18 16.08 -4.51 -1.38
C ARG C 18 16.98 -4.93 -2.53
N PHE C 19 18.27 -4.57 -2.48
CA PHE C 19 19.25 -5.00 -3.46
C PHE C 19 20.61 -4.94 -2.81
N PRO C 20 21.48 -5.92 -3.02
CA PRO C 20 22.75 -5.97 -2.28
C PRO C 20 23.78 -4.94 -2.74
N ILE C 21 23.50 -3.66 -2.48
CA ILE C 21 24.41 -2.56 -2.79
C ILE C 21 24.31 -1.52 -1.69
N PRO C 22 25.34 -0.68 -1.54
CA PRO C 22 25.34 0.30 -0.46
C PRO C 22 24.31 1.40 -0.69
N ILE C 23 23.82 1.94 0.43
CA ILE C 23 23.01 3.15 0.39
C ILE C 23 23.89 4.31 -0.10
N GLU C 24 23.29 5.17 -0.92
CA GLU C 24 24.00 6.33 -1.46
C GLU C 24 23.53 7.65 -0.89
N GLN C 25 22.24 7.77 -0.58
CA GLN C 25 21.70 9.03 -0.05
C GLN C 25 20.37 8.75 0.65
N LEU C 26 19.93 9.74 1.41
CA LEU C 26 18.58 9.80 1.93
C LEU C 26 17.73 10.62 0.96
N TYR C 27 16.47 10.22 0.80
CA TYR C 27 15.63 10.79 -0.24
C TYR C 27 14.18 10.76 0.23
N THR C 28 13.48 11.87 0.05
CA THR C 28 12.08 11.96 0.38
C THR C 28 11.29 12.45 -0.84
N ALA C 29 10.05 11.98 -0.94
CA ALA C 29 9.15 12.29 -2.04
C ALA C 29 7.72 11.87 -1.69
N PRO C 30 6.70 12.51 -2.25
CA PRO C 30 5.32 12.08 -1.98
C PRO C 30 5.02 10.75 -2.63
N ASN C 31 3.96 10.11 -2.13
CA ASN C 31 3.55 8.77 -2.53
C ASN C 31 2.77 8.73 -3.82
N GLU C 32 2.91 9.73 -4.70
CA GLU C 32 1.79 10.21 -5.53
C GLU C 32 0.84 9.14 -6.03
N ASN C 33 1.34 8.20 -6.83
CA ASN C 33 0.51 7.10 -7.29
C ASN C 33 1.15 5.75 -7.00
N ASN C 34 2.24 5.72 -6.24
CA ASN C 34 2.89 4.48 -5.88
C ASN C 34 2.24 3.87 -4.64
N VAL C 35 2.03 2.57 -4.67
CA VAL C 35 1.75 1.79 -3.48
C VAL C 35 3.10 1.39 -2.90
N VAL C 36 3.45 1.96 -1.75
CA VAL C 36 4.76 1.74 -1.13
C VAL C 36 4.62 0.51 -0.24
N GLN C 37 4.82 -0.65 -0.83
CA GLN C 37 4.60 -1.92 -0.14
C GLN C 37 5.73 -2.91 -0.46
N CYS C 38 6.97 -2.43 -0.40
CA CYS C 38 8.10 -3.34 -0.58
C CYS C 38 8.10 -4.38 0.52
N GLN C 39 8.60 -5.57 0.19
CA GLN C 39 8.54 -6.71 1.09
C GLN C 39 9.88 -7.07 1.71
N ASN C 40 10.98 -6.64 1.10
CA ASN C 40 12.30 -6.77 1.71
C ASN C 40 12.61 -5.51 2.50
N GLY C 41 13.41 -5.67 3.56
CA GLY C 41 13.68 -4.57 4.45
C GLY C 41 12.51 -4.16 5.31
N ARG C 42 11.68 -5.12 5.74
CA ARG C 42 10.52 -4.83 6.57
C ARG C 42 10.71 -5.49 7.93
N CYS C 43 10.71 -4.67 8.98
CA CYS C 43 10.97 -5.14 10.33
C CYS C 43 10.42 -4.13 11.32
N THR C 44 9.70 -4.61 12.33
CA THR C 44 9.25 -3.72 13.38
C THR C 44 10.42 -3.31 14.27
N LEU C 45 10.23 -2.23 15.02
CA LEU C 45 11.28 -1.75 15.89
C LEU C 45 11.60 -2.72 17.02
N ASP C 46 10.69 -3.64 17.36
CA ASP C 46 10.97 -4.64 18.38
C ASP C 46 11.44 -5.96 17.78
N GLY C 47 11.80 -5.98 16.49
CA GLY C 47 12.50 -7.10 15.91
C GLY C 47 11.67 -8.16 15.21
N GLU C 48 10.48 -7.83 14.74
CA GLU C 48 9.65 -8.79 14.00
C GLU C 48 9.89 -8.60 12.51
N LEU C 49 10.54 -9.59 11.88
CA LEU C 49 10.70 -9.57 10.43
C LEU C 49 9.34 -9.73 9.76
N GLN C 50 9.15 -9.04 8.64
CA GLN C 50 7.89 -9.05 7.90
C GLN C 50 8.16 -9.30 6.43
N GLY C 51 7.09 -9.61 5.70
CA GLY C 51 7.21 -9.79 4.26
C GLY C 51 8.12 -10.94 3.90
N THR C 52 9.04 -10.68 2.98
CA THR C 52 10.06 -11.65 2.59
C THR C 52 11.43 -11.30 3.16
N THR C 53 11.47 -10.62 4.29
CA THR C 53 12.71 -10.09 4.84
C THR C 53 13.44 -11.13 5.68
N GLN C 54 14.72 -11.32 5.37
CA GLN C 54 15.64 -12.11 6.19
C GLN C 54 16.89 -11.27 6.44
N LEU C 55 17.96 -11.88 6.96
CA LEU C 55 19.07 -11.14 7.51
C LEU C 55 20.24 -10.91 6.56
N LEU C 56 20.40 -11.72 5.52
CA LEU C 56 21.60 -11.69 4.70
C LEU C 56 21.35 -10.90 3.41
N SER C 57 22.22 -9.91 3.16
CA SER C 57 22.15 -9.19 1.89
C SER C 57 22.52 -10.10 0.72
N SER C 58 23.36 -11.10 0.96
CA SER C 58 23.71 -12.05 -0.09
C SER C 58 22.55 -12.96 -0.48
N ALA C 59 21.43 -12.90 0.25
CA ALA C 59 20.22 -13.61 -0.14
C ALA C 59 19.22 -12.73 -0.88
N VAL C 60 19.39 -11.41 -0.84
CA VAL C 60 18.44 -10.50 -1.48
C VAL C 60 18.61 -10.58 -2.99
N CYS C 61 17.55 -10.96 -3.69
CA CYS C 61 17.53 -11.13 -5.14
C CYS C 61 18.53 -12.19 -5.61
N SER C 62 18.91 -13.08 -4.70
CA SER C 62 19.71 -14.25 -5.03
C SER C 62 18.81 -15.47 -4.98
N TYR C 63 19.07 -16.43 -5.87
CA TYR C 63 18.29 -17.64 -5.98
C TYR C 63 19.23 -18.83 -6.12
N ARG C 64 18.70 -20.00 -5.77
CA ARG C 64 19.44 -21.25 -5.89
C ARG C 64 18.44 -22.39 -6.05
N GLY C 65 18.89 -23.45 -6.70
CA GLY C 65 18.06 -24.62 -6.88
C GLY C 65 18.56 -25.43 -8.07
N ARG C 66 17.62 -26.19 -8.63
CA ARG C 66 17.89 -27.07 -9.76
C ARG C 66 17.25 -26.50 -11.01
N THR C 67 18.03 -26.44 -12.09
CA THR C 67 17.48 -26.03 -13.37
C THR C 67 16.66 -27.15 -13.98
N VAL C 68 15.52 -26.78 -14.56
CA VAL C 68 14.64 -27.70 -15.26
C VAL C 68 14.50 -27.19 -16.69
N ALA C 69 14.78 -28.05 -17.66
CA ALA C 69 14.63 -27.67 -19.06
C ALA C 69 13.19 -27.28 -19.34
N ASN C 70 13.02 -26.23 -20.14
CA ASN C 70 11.70 -25.72 -20.50
C ASN C 70 11.62 -25.69 -22.03
N SER C 71 11.20 -26.81 -22.62
CA SER C 71 11.01 -26.86 -24.06
C SER C 71 9.94 -25.89 -24.55
N GLY C 72 9.22 -25.24 -23.63
CA GLY C 72 8.34 -24.15 -23.97
C GLY C 72 9.19 -22.96 -24.35
N ASP C 73 9.81 -23.07 -25.53
CA ASP C 73 10.99 -22.30 -25.92
C ASP C 73 10.99 -20.84 -25.48
N ASN C 74 9.88 -20.12 -25.71
CA ASN C 74 9.91 -18.67 -25.69
C ASN C 74 10.33 -18.08 -24.34
N TRP C 75 11.49 -17.42 -24.34
CA TRP C 75 11.98 -16.51 -23.31
C TRP C 75 12.45 -17.18 -22.03
N ASP C 76 12.13 -18.46 -21.84
CA ASP C 76 12.56 -19.16 -20.63
C ASP C 76 12.99 -20.54 -21.09
N GLN C 77 14.27 -20.67 -21.47
CA GLN C 77 14.78 -21.97 -21.88
C GLN C 77 14.86 -22.93 -20.71
N ASN C 78 14.89 -22.42 -19.49
CA ASN C 78 14.98 -23.25 -18.30
C ASN C 78 14.20 -22.58 -17.17
N LEU C 79 13.75 -23.40 -16.24
CA LEU C 79 13.21 -22.92 -14.98
C LEU C 79 14.21 -23.21 -13.87
N LEU C 80 14.05 -22.51 -12.74
CA LEU C 80 14.86 -22.77 -11.56
C LEU C 80 13.93 -23.21 -10.44
N GLN C 81 14.05 -24.48 -10.04
CA GLN C 81 13.26 -25.02 -8.93
C GLN C 81 13.95 -24.63 -7.62
N LEU C 82 13.35 -23.70 -6.87
CA LEU C 82 14.06 -23.05 -5.78
C LEU C 82 14.26 -23.97 -4.58
N THR C 83 15.36 -23.75 -3.87
CA THR C 83 15.67 -24.49 -2.65
C THR C 83 16.10 -23.53 -1.56
N TYR C 84 15.97 -23.97 -0.30
CA TYR C 84 16.45 -23.19 0.82
C TYR C 84 17.98 -23.04 0.72
N PRO C 85 18.57 -22.11 1.52
CA PRO C 85 20.02 -21.89 1.47
C PRO C 85 20.88 -23.15 1.52
N SER C 86 20.33 -24.29 1.91
CA SER C 86 21.09 -25.54 1.95
C SER C 86 20.28 -26.69 1.36
N GLY C 87 19.64 -26.46 0.22
CA GLY C 87 19.11 -27.52 -0.61
C GLY C 87 17.70 -27.97 -0.31
N ALA C 88 17.16 -27.65 0.86
CA ALA C 88 15.79 -28.05 1.19
C ALA C 88 14.79 -27.29 0.34
N SER C 89 13.72 -27.98 -0.05
CA SER C 89 12.68 -27.34 -0.85
C SER C 89 11.98 -26.25 -0.05
N TYR C 90 11.50 -25.24 -0.77
CA TYR C 90 10.74 -24.16 -0.15
C TYR C 90 9.27 -24.56 -0.09
N ASP C 91 8.64 -24.35 1.07
CA ASP C 91 7.28 -24.80 1.29
C ASP C 91 6.30 -23.72 0.86
N PRO C 92 5.52 -23.92 -0.20
CA PRO C 92 4.56 -22.89 -0.62
C PRO C 92 3.45 -22.62 0.38
N THR C 93 3.28 -23.48 1.39
CA THR C 93 2.24 -23.27 2.38
C THR C 93 2.66 -22.34 3.51
N ASP C 94 3.93 -21.95 3.58
CA ASP C 94 4.36 -21.02 4.61
C ASP C 94 3.69 -19.67 4.40
N GLU C 95 3.29 -19.03 5.49
CA GLU C 95 2.54 -17.78 5.43
C GLU C 95 3.47 -16.61 5.14
N VAL C 96 4.10 -16.67 3.98
CA VAL C 96 4.95 -15.59 3.48
C VAL C 96 4.52 -15.28 2.05
N PRO C 97 4.84 -14.08 1.55
CA PRO C 97 4.49 -13.78 0.16
C PRO C 97 5.26 -14.62 -0.84
N ALA C 98 6.48 -15.02 -0.49
CA ALA C 98 7.42 -15.69 -1.39
C ALA C 98 8.61 -16.13 -0.56
N PRO C 99 9.54 -16.93 -1.10
CA PRO C 99 10.77 -17.22 -0.36
C PRO C 99 11.45 -15.94 0.07
N LEU C 100 12.01 -15.97 1.29
CA LEU C 100 12.66 -14.78 1.83
C LEU C 100 13.80 -14.34 0.93
N GLY C 101 13.83 -13.04 0.62
CA GLY C 101 14.82 -12.49 -0.27
C GLY C 101 14.40 -12.39 -1.72
N THR C 102 13.23 -12.91 -2.08
CA THR C 102 12.72 -12.78 -3.43
C THR C 102 12.63 -11.32 -3.83
N GLN C 103 12.95 -11.03 -5.10
CA GLN C 103 12.86 -9.67 -5.60
C GLN C 103 11.45 -9.12 -5.39
N ASP C 104 11.37 -7.87 -4.93
CA ASP C 104 10.09 -7.26 -4.61
C ASP C 104 9.80 -6.06 -5.50
N PHE C 105 10.36 -6.06 -6.71
CA PHE C 105 10.07 -5.06 -7.73
C PHE C 105 9.68 -5.76 -9.01
N SER C 106 8.87 -5.09 -9.82
CA SER C 106 8.45 -5.64 -11.10
C SER C 106 9.42 -5.22 -12.20
N GLY C 107 9.61 -6.13 -13.15
CA GLY C 107 10.53 -5.90 -14.24
C GLY C 107 11.54 -7.01 -14.40
N ILE C 108 12.71 -6.68 -14.91
CA ILE C 108 13.73 -7.67 -15.24
C ILE C 108 14.88 -7.56 -14.25
N LEU C 109 15.23 -8.68 -13.63
CA LEU C 109 16.40 -8.79 -12.77
C LEU C 109 17.48 -9.52 -13.54
N TYR C 110 18.66 -8.90 -13.64
CA TYR C 110 19.80 -9.49 -14.35
C TYR C 110 20.83 -10.03 -13.37
N GLY C 111 21.42 -11.15 -13.72
CA GLY C 111 22.50 -11.70 -12.93
C GLY C 111 23.17 -12.84 -13.65
N VAL C 112 24.03 -13.55 -12.92
CA VAL C 112 24.85 -14.61 -13.47
C VAL C 112 24.49 -15.90 -12.77
N LEU C 113 24.12 -16.92 -13.54
CA LEU C 113 23.88 -18.25 -13.01
C LEU C 113 25.18 -19.05 -13.09
N THR C 114 25.51 -19.75 -12.02
CA THR C 114 26.64 -20.67 -12.02
C THR C 114 26.15 -22.07 -11.70
N GLN C 115 26.84 -23.07 -12.25
CA GLN C 115 26.35 -24.45 -12.26
C GLN C 115 27.53 -25.36 -11.94
N ASP C 116 27.41 -26.64 -12.28
CA ASP C 116 28.53 -27.57 -12.11
C ASP C 116 29.82 -26.99 -12.68
N ASN C 117 30.89 -27.06 -11.88
CA ASN C 117 32.19 -26.56 -12.33
C ASN C 117 32.64 -27.30 -13.58
N VAL C 118 33.36 -26.59 -14.45
CA VAL C 118 33.84 -27.15 -15.70
C VAL C 118 35.36 -27.19 -15.65
N SER C 119 35.94 -28.01 -16.52
CA SER C 119 37.39 -28.10 -16.60
C SER C 119 37.99 -26.77 -17.08
N GLU C 120 39.26 -26.57 -16.75
CA GLU C 120 39.95 -25.35 -17.14
C GLU C 120 39.91 -25.15 -18.65
N GLY C 121 40.08 -26.22 -19.41
CA GLY C 121 40.10 -26.18 -20.87
C GLY C 121 38.78 -25.92 -21.54
N THR C 122 37.67 -25.89 -20.80
CA THR C 122 36.37 -25.60 -21.42
C THR C 122 36.28 -24.15 -21.88
N GLY C 123 36.98 -23.25 -21.22
CA GLY C 123 37.06 -21.86 -21.65
C GLY C 123 36.76 -20.89 -20.52
N GLU C 124 37.05 -19.62 -20.80
CA GLU C 124 36.87 -18.58 -19.80
C GLU C 124 35.38 -18.36 -19.52
N ALA C 125 35.03 -18.37 -18.22
CA ALA C 125 33.68 -18.10 -17.75
C ALA C 125 32.65 -19.03 -18.39
N LYS C 126 33.06 -20.27 -18.69
CA LYS C 126 32.13 -21.23 -19.27
C LYS C 126 31.10 -21.73 -18.27
N ASN C 127 31.35 -21.55 -16.97
CA ASN C 127 30.35 -21.82 -15.93
C ASN C 127 29.75 -20.53 -15.39
N ALA C 128 29.60 -19.52 -16.24
CA ALA C 128 28.95 -18.26 -15.89
C ALA C 128 27.93 -17.97 -16.97
N LYS C 129 26.65 -17.86 -16.59
CA LYS C 129 25.55 -17.74 -17.53
C LYS C 129 24.76 -16.48 -17.23
N GLY C 130 24.86 -15.49 -18.12
CA GLY C 130 24.06 -14.28 -17.96
C GLY C 130 22.60 -14.58 -18.23
N VAL C 131 21.73 -14.18 -17.30
CA VAL C 131 20.31 -14.54 -17.38
C VAL C 131 19.43 -13.36 -16.98
N TYR C 132 18.26 -13.29 -17.60
CA TYR C 132 17.20 -12.38 -17.19
C TYR C 132 16.16 -13.14 -16.39
N ILE C 133 15.74 -12.58 -15.26
CA ILE C 133 14.62 -13.10 -14.51
C ILE C 133 13.54 -12.02 -14.56
N SER C 134 12.57 -12.18 -15.46
CA SER C 134 11.50 -11.20 -15.65
C SER C 134 10.26 -11.62 -14.87
N THR C 135 9.71 -10.66 -14.11
CA THR C 135 8.50 -10.90 -13.33
C THR C 135 7.24 -10.90 -14.18
N THR C 136 7.29 -10.42 -15.41
CA THR C 136 6.14 -10.48 -16.31
C THR C 136 6.05 -11.80 -17.07
N SER C 137 7.07 -12.65 -16.97
CA SER C 137 6.99 -13.99 -17.53
C SER C 137 5.96 -14.81 -16.76
N GLY C 138 5.21 -15.65 -17.48
CA GLY C 138 4.30 -16.57 -16.84
C GLY C 138 4.99 -17.58 -15.93
N LYS C 139 6.30 -17.75 -16.08
CA LYS C 139 7.06 -18.67 -15.25
C LYS C 139 7.57 -18.05 -13.96
N PHE C 140 7.28 -16.77 -13.71
CA PHE C 140 7.71 -16.14 -12.46
C PHE C 140 6.68 -16.51 -11.39
N THR C 141 6.93 -17.62 -10.70
CA THR C 141 6.06 -18.12 -9.63
C THR C 141 6.89 -18.52 -8.42
N PRO C 142 7.63 -17.58 -7.83
CA PRO C 142 8.49 -17.95 -6.69
C PRO C 142 7.73 -18.51 -5.50
N LYS C 143 6.48 -18.13 -5.30
CA LYS C 143 5.75 -18.62 -4.13
C LYS C 143 5.50 -20.12 -4.19
N ILE C 144 5.47 -20.72 -5.38
CA ILE C 144 5.42 -22.18 -5.49
C ILE C 144 6.79 -22.77 -5.80
N GLY C 145 7.84 -21.97 -5.72
CA GLY C 145 9.19 -22.49 -5.78
C GLY C 145 9.78 -22.66 -7.16
N SER C 146 9.35 -21.86 -8.14
CA SER C 146 9.86 -21.97 -9.49
C SER C 146 9.84 -20.62 -10.19
N ILE C 147 10.95 -20.26 -10.83
CA ILE C 147 11.07 -19.04 -11.62
C ILE C 147 11.64 -19.40 -12.98
N GLY C 148 11.44 -18.48 -13.93
CA GLY C 148 11.91 -18.66 -15.28
C GLY C 148 13.24 -17.94 -15.50
N LEU C 149 14.14 -18.61 -16.21
CA LEU C 149 15.47 -18.09 -16.51
C LEU C 149 15.58 -17.85 -18.01
N HIS C 150 15.83 -16.61 -18.40
CA HIS C 150 16.07 -16.25 -19.80
C HIS C 150 17.56 -16.18 -20.06
N SER C 151 18.09 -17.17 -20.77
CA SER C 151 19.52 -17.20 -21.06
C SER C 151 19.90 -16.10 -22.04
N ILE C 152 20.90 -15.30 -21.68
CA ILE C 152 21.49 -14.32 -22.60
C ILE C 152 22.85 -14.79 -23.11
N THR C 153 23.75 -15.17 -22.21
CA THR C 153 25.08 -15.66 -22.56
C THR C 153 25.31 -17.01 -21.91
N GLU C 154 26.04 -17.89 -22.61
CA GLU C 154 26.45 -19.18 -22.04
C GLU C 154 25.29 -20.08 -21.66
N ASN C 155 24.70 -20.76 -22.65
CA ASN C 155 23.56 -21.66 -22.49
C ASN C 155 23.54 -22.43 -21.17
N VAL C 156 22.38 -22.44 -20.51
CA VAL C 156 22.19 -23.02 -19.18
C VAL C 156 21.88 -24.51 -19.31
N HIS C 157 22.51 -25.32 -18.45
CA HIS C 157 22.28 -26.77 -18.51
C HIS C 157 21.13 -27.16 -17.59
N PRO C 158 20.29 -28.09 -18.01
CA PRO C 158 19.23 -28.59 -17.13
C PRO C 158 19.77 -29.59 -16.11
N ASN C 159 18.99 -29.75 -15.03
CA ASN C 159 19.24 -30.77 -14.01
C ASN C 159 20.58 -30.59 -13.29
N GLN C 160 20.98 -29.33 -13.09
CA GLN C 160 22.21 -29.05 -12.35
C GLN C 160 21.90 -28.09 -11.21
N GLN C 161 22.56 -28.32 -10.07
CA GLN C 161 22.44 -27.42 -8.94
C GLN C 161 23.07 -26.08 -9.31
N SER C 162 22.29 -25.00 -9.22
CA SER C 162 22.72 -23.73 -9.76
C SER C 162 22.46 -22.62 -8.75
N ARG C 163 23.28 -21.57 -8.83
CA ARG C 163 23.12 -20.38 -8.01
C ARG C 163 23.02 -19.16 -8.91
N PHE C 164 22.13 -18.24 -8.55
CA PHE C 164 21.95 -17.00 -9.28
C PHE C 164 22.50 -15.85 -8.44
N THR C 165 23.47 -15.12 -8.98
CA THR C 165 24.01 -13.96 -8.29
C THR C 165 23.47 -12.70 -8.94
N PRO C 166 22.78 -11.82 -8.22
CA PRO C 166 22.23 -10.61 -8.85
C PRO C 166 23.32 -9.61 -9.19
N VAL C 167 23.13 -8.91 -10.31
CA VAL C 167 24.02 -7.86 -10.74
C VAL C 167 23.30 -6.52 -10.87
N GLY C 168 22.11 -6.52 -11.46
CA GLY C 168 21.36 -5.30 -11.59
C GLY C 168 19.99 -5.56 -12.15
N VAL C 169 19.40 -4.52 -12.74
CA VAL C 169 18.10 -4.62 -13.37
C VAL C 169 18.26 -4.39 -14.86
N ALA C 170 17.16 -4.55 -15.60
CA ALA C 170 17.15 -4.30 -17.03
C ALA C 170 15.76 -3.83 -17.43
N GLN C 171 15.71 -3.11 -18.54
CA GLN C 171 14.46 -2.62 -19.09
C GLN C 171 14.52 -2.79 -20.60
N ASN C 172 13.62 -3.59 -21.15
CA ASN C 172 13.48 -3.72 -22.59
C ASN C 172 12.21 -3.00 -23.03
N GLU C 173 11.87 -3.14 -24.32
CA GLU C 173 10.83 -2.32 -24.93
C GLU C 173 9.46 -2.53 -24.30
N ASN C 174 9.20 -3.65 -23.63
CA ASN C 174 7.87 -3.91 -23.10
C ASN C 174 7.87 -4.37 -21.65
N THR C 175 8.98 -4.18 -20.93
CA THR C 175 9.06 -4.54 -19.51
C THR C 175 9.73 -3.41 -18.75
N PRO C 176 8.97 -2.39 -18.35
CA PRO C 176 9.55 -1.29 -17.59
C PRO C 176 9.91 -1.71 -16.18
N PHE C 177 10.93 -1.06 -15.64
CA PHE C 177 11.37 -1.29 -14.26
C PHE C 177 10.50 -0.47 -13.32
N GLN C 178 9.76 -1.15 -12.45
CA GLN C 178 8.78 -0.51 -11.56
C GLN C 178 9.02 -1.00 -10.14
N GLN C 179 9.75 -0.21 -9.35
CA GLN C 179 10.18 -0.68 -8.03
C GLN C 179 9.05 -0.71 -7.01
N TRP C 180 7.91 -0.07 -7.29
CA TRP C 180 6.81 -0.03 -6.34
C TRP C 180 5.62 -0.86 -6.77
N VAL C 181 5.74 -1.64 -7.84
CA VAL C 181 4.71 -2.59 -8.24
C VAL C 181 5.21 -3.97 -7.87
N LEU C 182 4.64 -4.56 -6.84
CA LEU C 182 5.06 -5.90 -6.42
C LEU C 182 4.81 -6.88 -7.56
N PRO C 183 5.74 -7.80 -7.82
CA PRO C 183 5.50 -8.80 -8.85
C PRO C 183 4.44 -9.80 -8.39
N HIS C 184 3.87 -10.51 -9.36
CA HIS C 184 2.91 -11.56 -9.01
C HIS C 184 3.71 -12.77 -8.54
N TYR C 185 3.87 -12.90 -7.22
CA TYR C 185 4.65 -13.99 -6.64
C TYR C 185 4.08 -15.36 -6.98
N ALA C 186 2.78 -15.46 -7.27
CA ALA C 186 2.12 -16.72 -7.56
C ALA C 186 1.82 -16.91 -9.03
N GLY C 187 2.33 -16.04 -9.89
CA GLY C 187 2.11 -16.18 -11.32
C GLY C 187 1.07 -15.21 -11.84
N ALA C 188 0.94 -15.22 -13.17
CA ALA C 188 0.03 -14.32 -13.85
C ALA C 188 -1.41 -14.53 -13.37
N LEU C 189 -2.10 -13.43 -13.14
CA LEU C 189 -3.52 -13.38 -12.78
C LEU C 189 -3.78 -13.82 -11.35
N ALA C 190 -2.74 -14.02 -10.54
CA ALA C 190 -2.87 -14.35 -9.13
C ALA C 190 -2.42 -13.16 -8.29
N LEU C 191 -3.12 -12.90 -7.19
CA LEU C 191 -2.78 -11.80 -6.30
C LEU C 191 -1.84 -12.29 -5.19
N ASN C 192 -1.21 -11.33 -4.51
CA ASN C 192 -0.20 -11.62 -3.50
C ASN C 192 -0.84 -11.72 -2.11
N THR C 193 -0.24 -12.56 -1.26
CA THR C 193 -0.76 -12.84 0.07
C THR C 193 0.34 -12.65 1.11
N ASN C 194 -0.10 -12.55 2.38
CA ASN C 194 0.79 -12.48 3.54
C ASN C 194 1.76 -11.32 3.45
N LEU C 195 1.32 -10.21 2.83
CA LEU C 195 2.21 -9.09 2.58
C LEU C 195 2.41 -8.24 3.83
N ALA C 196 3.61 -7.71 3.98
CA ALA C 196 3.80 -6.60 4.89
C ALA C 196 2.98 -5.40 4.39
N PRO C 197 2.35 -4.64 5.28
CA PRO C 197 1.40 -3.63 4.83
C PRO C 197 2.08 -2.49 4.10
N ALA C 198 1.32 -1.84 3.21
CA ALA C 198 1.80 -0.63 2.57
C ALA C 198 1.94 0.48 3.60
N VAL C 199 2.83 1.42 3.32
CA VAL C 199 3.07 2.54 4.23
C VAL C 199 2.83 3.85 3.50
N ALA C 200 2.42 4.86 4.27
CA ALA C 200 2.15 6.18 3.73
C ALA C 200 2.15 7.18 4.88
N PRO C 201 2.47 8.45 4.62
CA PRO C 201 2.35 9.46 5.67
C PRO C 201 0.88 9.73 5.97
N THR C 202 0.57 9.92 7.26
CA THR C 202 -0.77 10.20 7.70
C THR C 202 -0.94 11.57 8.38
N PHE C 203 0.13 12.16 8.86
CA PHE C 203 0.19 13.47 9.53
C PHE C 203 0.41 14.57 8.48
N PRO C 204 -0.23 15.73 8.65
CA PRO C 204 -0.13 16.78 7.63
C PRO C 204 1.31 17.25 7.45
N GLY C 205 1.71 17.43 6.19
CA GLY C 205 3.03 17.92 5.85
C GLY C 205 4.12 16.87 5.82
N GLU C 206 3.80 15.61 6.10
CA GLU C 206 4.82 14.58 6.20
C GLU C 206 4.92 13.77 4.92
N GLU C 207 6.11 13.23 4.68
CA GLU C 207 6.39 12.33 3.57
C GLU C 207 7.28 11.21 4.07
N LEU C 208 7.30 10.12 3.32
CA LEU C 208 8.20 9.01 3.65
C LEU C 208 9.66 9.42 3.40
N LEU C 209 10.56 8.86 4.20
CA LEU C 209 11.99 9.01 3.98
C LEU C 209 12.54 7.66 3.52
N PHE C 210 13.33 7.68 2.45
CA PHE C 210 13.87 6.46 1.87
C PHE C 210 15.38 6.44 1.96
N PHE C 211 15.93 5.23 2.10
CA PHE C 211 17.36 5.00 1.93
C PHE C 211 17.56 4.62 0.47
N ARG C 212 18.23 5.47 -0.29
CA ARG C 212 18.22 5.39 -1.75
C ARG C 212 19.53 4.83 -2.29
N SER C 213 19.43 3.95 -3.28
CA SER C 213 20.59 3.44 -3.99
C SER C 213 20.31 3.45 -5.49
N ARG C 214 21.38 3.57 -6.28
CA ARG C 214 21.28 3.43 -7.72
C ARG C 214 21.74 2.02 -8.09
N VAL C 215 20.86 1.26 -8.74
CA VAL C 215 21.20 -0.11 -9.10
C VAL C 215 21.73 -0.13 -10.53
N PRO C 216 22.72 -0.95 -10.83
CA PRO C 216 23.20 -1.04 -12.22
C PRO C 216 22.08 -1.49 -13.15
N CYS C 217 22.04 -0.90 -14.35
CA CYS C 217 21.03 -1.22 -15.35
C CYS C 217 21.73 -1.69 -16.61
N VAL C 218 21.58 -2.97 -16.94
CA VAL C 218 22.31 -3.58 -18.05
C VAL C 218 21.61 -3.40 -19.39
N GLN C 219 20.40 -2.85 -19.41
CA GLN C 219 19.68 -2.54 -20.64
C GLN C 219 18.62 -1.51 -20.33
N GLY C 220 18.58 -0.44 -21.12
CA GLY C 220 17.57 0.59 -20.95
C GLY C 220 18.02 1.70 -20.02
N LEU C 221 17.10 2.66 -19.83
CA LEU C 221 17.28 3.78 -18.91
C LEU C 221 18.52 4.62 -19.28
N ARG C 222 18.75 4.79 -20.57
CA ARG C 222 19.88 5.60 -21.02
C ARG C 222 19.74 7.02 -20.50
N GLY C 223 20.83 7.55 -19.95
CA GLY C 223 20.79 8.87 -19.34
C GLY C 223 19.95 8.97 -18.08
N GLN C 224 19.48 7.85 -17.54
CA GLN C 224 18.63 7.85 -16.37
C GLN C 224 19.23 6.92 -15.31
N ASP C 225 18.61 6.92 -14.13
CA ASP C 225 19.09 6.15 -13.00
C ASP C 225 18.01 5.17 -12.57
N ALA C 226 18.38 3.91 -12.40
CA ALA C 226 17.47 2.90 -11.86
C ALA C 226 17.57 2.96 -10.34
N PHE C 227 16.65 3.67 -9.72
CA PHE C 227 16.67 3.82 -8.27
C PHE C 227 15.96 2.65 -7.60
N ILE C 228 16.52 2.22 -6.47
CA ILE C 228 15.84 1.30 -5.56
C ILE C 228 15.85 1.94 -4.17
N ASP C 229 14.67 2.20 -3.64
CA ASP C 229 14.51 2.89 -2.37
C ASP C 229 13.95 1.91 -1.34
N CYS C 230 14.60 1.81 -0.19
CA CYS C 230 14.12 0.95 0.87
C CYS C 230 13.71 1.76 2.08
N LEU C 231 12.85 1.16 2.90
CA LEU C 231 12.36 1.84 4.10
C LEU C 231 13.34 1.73 5.26
N LEU C 232 14.11 0.64 5.31
CA LEU C 232 15.11 0.41 6.34
C LEU C 232 16.33 -0.19 5.67
N PRO C 233 17.53 0.25 6.04
CA PRO C 233 18.74 -0.44 5.58
C PRO C 233 18.86 -1.79 6.28
N GLN C 234 19.63 -2.68 5.65
CA GLN C 234 19.75 -4.03 6.18
C GLN C 234 20.30 -4.03 7.60
N GLU C 235 21.23 -3.13 7.89
CA GLU C 235 21.84 -3.11 9.21
C GLU C 235 20.84 -2.71 10.29
N TRP C 236 19.85 -1.88 9.96
CA TRP C 236 18.81 -1.56 10.94
C TRP C 236 17.91 -2.77 11.17
N VAL C 237 17.53 -3.46 10.10
CA VAL C 237 16.71 -4.67 10.23
C VAL C 237 17.41 -5.67 11.15
N ASN C 238 18.69 -5.94 10.89
CA ASN C 238 19.40 -6.93 11.69
C ASN C 238 19.60 -6.45 13.13
N HIS C 239 19.81 -5.14 13.32
CA HIS C 239 19.97 -4.61 14.67
C HIS C 239 18.68 -4.76 15.48
N PHE C 240 17.54 -4.40 14.89
CA PHE C 240 16.26 -4.58 15.58
C PHE C 240 16.00 -6.05 15.87
N TYR C 241 16.34 -6.92 14.94
CA TYR C 241 16.16 -8.35 15.15
C TYR C 241 17.01 -8.86 16.30
N GLN C 242 18.27 -8.43 16.37
CA GLN C 242 19.13 -8.83 17.47
C GLN C 242 18.63 -8.30 18.80
N GLU C 243 18.31 -7.01 18.84
CA GLU C 243 18.05 -6.35 20.12
C GLU C 243 16.67 -6.70 20.66
N ALA C 244 15.67 -6.76 19.78
CA ALA C 244 14.28 -7.04 20.17
C ALA C 244 13.86 -6.15 21.33
N ALA C 245 14.22 -4.89 21.25
CA ALA C 245 13.88 -3.94 22.31
C ALA C 245 12.39 -3.61 22.23
N PRO C 246 11.66 -3.68 23.34
CA PRO C 246 10.21 -3.41 23.28
C PRO C 246 9.93 -1.96 22.91
N SER C 247 8.96 -1.77 22.02
CA SER C 247 8.55 -0.44 21.62
C SER C 247 7.61 0.15 22.68
N GLN C 248 7.92 1.36 23.14
CA GLN C 248 7.14 2.00 24.19
C GLN C 248 6.09 2.96 23.67
N ALA C 249 6.19 3.41 22.43
CA ALA C 249 5.19 4.28 21.84
C ALA C 249 5.10 3.96 20.35
N ASP C 250 4.20 4.65 19.65
CA ASP C 250 4.00 4.37 18.23
C ASP C 250 5.15 4.89 17.38
N VAL C 251 5.88 5.90 17.84
CA VAL C 251 6.93 6.55 17.05
C VAL C 251 8.17 6.72 17.91
N ALA C 252 9.32 6.39 17.33
CA ALA C 252 10.62 6.70 17.92
C ALA C 252 11.14 7.97 17.27
N LEU C 253 11.21 9.06 18.05
CA LEU C 253 11.75 10.31 17.52
C LEU C 253 13.26 10.15 17.35
N ILE C 254 13.75 10.32 16.14
CA ILE C 254 15.18 10.17 15.87
C ILE C 254 15.70 11.47 15.28
N ARG C 255 16.96 11.78 15.59
CA ARG C 255 17.58 13.02 15.12
C ARG C 255 18.86 12.70 14.36
N TYR C 256 19.03 13.32 13.20
CA TYR C 256 20.24 13.17 12.40
C TYR C 256 21.28 14.16 12.90
N VAL C 257 22.40 13.66 13.40
CA VAL C 257 23.39 14.48 14.07
C VAL C 257 24.72 14.41 13.32
N ASN C 258 25.45 15.53 13.35
CA ASN C 258 26.83 15.56 12.88
C ASN C 258 27.73 15.42 14.09
N PRO C 259 28.45 14.31 14.25
CA PRO C 259 29.15 14.06 15.52
C PRO C 259 30.36 14.96 15.76
N ASP C 260 30.99 15.49 14.72
CA ASP C 260 32.15 16.34 14.94
C ASP C 260 31.82 17.82 14.99
N THR C 261 30.62 18.22 14.59
CA THR C 261 30.13 19.56 14.88
C THR C 261 29.15 19.58 16.06
N GLY C 262 28.60 18.42 16.42
CA GLY C 262 27.72 18.31 17.55
C GLY C 262 26.27 18.70 17.29
N ARG C 263 25.96 19.25 16.13
CA ARG C 263 24.65 19.82 15.88
C ARG C 263 23.70 18.79 15.27
N THR C 264 22.41 18.98 15.57
CA THR C 264 21.35 18.20 14.94
C THR C 264 20.96 18.87 13.62
N LEU C 265 20.94 18.07 12.55
CA LEU C 265 20.68 18.61 11.22
C LEU C 265 19.20 18.57 10.86
N PHE C 266 18.48 17.53 11.28
CA PHE C 266 17.03 17.43 11.12
C PHE C 266 16.56 16.29 12.01
N GLU C 267 15.24 16.18 12.12
CA GLU C 267 14.63 15.11 12.92
C GLU C 267 13.57 14.40 12.09
N ALA C 268 13.18 13.22 12.56
CA ALA C 268 12.28 12.36 11.81
C ALA C 268 11.51 11.44 12.76
N LYS C 269 10.44 10.86 12.23
CA LYS C 269 9.61 9.91 12.95
C LYS C 269 9.93 8.50 12.48
N LEU C 270 10.47 7.67 13.37
CA LEU C 270 10.70 6.26 13.10
C LEU C 270 9.53 5.48 13.68
N HIS C 271 8.58 5.11 12.82
CA HIS C 271 7.36 4.46 13.27
C HIS C 271 7.66 3.04 13.75
N ARG C 272 6.88 2.58 14.73
CA ARG C 272 7.17 1.30 15.37
C ARG C 272 7.07 0.13 14.40
N SER C 273 6.30 0.26 13.32
CA SER C 273 6.21 -0.78 12.30
C SER C 273 7.38 -0.76 11.33
N GLY C 274 8.32 0.18 11.47
CA GLY C 274 9.53 0.14 10.69
C GLY C 274 9.56 0.95 9.42
N PHE C 275 9.26 2.25 9.52
CA PHE C 275 9.49 3.17 8.41
C PHE C 275 9.58 4.58 8.97
N ILE C 276 10.09 5.49 8.15
CA ILE C 276 10.42 6.85 8.58
C ILE C 276 9.57 7.85 7.82
N THR C 277 9.09 8.87 8.53
CA THR C 277 8.48 10.03 7.89
C THR C 277 9.20 11.31 8.32
N VAL C 278 9.20 12.29 7.44
CA VAL C 278 9.80 13.59 7.68
C VAL C 278 8.80 14.67 7.28
N SER C 279 8.97 15.86 7.85
CA SER C 279 8.15 17.02 7.53
C SER C 279 8.78 17.74 6.34
N HIS C 280 8.34 17.38 5.14
CA HIS C 280 8.84 18.00 3.91
C HIS C 280 7.81 17.81 2.81
N THR C 281 7.79 18.77 1.88
CA THR C 281 6.88 18.73 0.74
C THR C 281 7.70 18.79 -0.55
N GLY C 282 7.63 17.71 -1.33
CA GLY C 282 8.34 17.65 -2.60
C GLY C 282 9.42 16.60 -2.63
N ALA C 283 9.83 16.22 -3.85
CA ALA C 283 10.92 15.26 -4.03
C ALA C 283 12.24 15.94 -3.75
N TYR C 284 13.03 15.35 -2.85
CA TYR C 284 14.22 16.04 -2.37
C TYR C 284 15.29 15.06 -1.89
N PRO C 285 16.45 15.00 -2.56
CA PRO C 285 17.59 14.27 -2.01
C PRO C 285 18.22 15.08 -0.87
N LEU C 286 18.29 14.50 0.31
CA LEU C 286 18.70 15.23 1.49
C LEU C 286 20.17 15.60 1.43
N VAL C 287 20.48 16.86 1.73
CA VAL C 287 21.83 17.39 1.72
C VAL C 287 22.36 17.32 3.16
N VAL C 288 23.16 16.28 3.41
CA VAL C 288 23.74 16.03 4.73
C VAL C 288 25.18 15.61 4.57
N PRO C 289 26.00 15.92 5.57
CA PRO C 289 27.42 15.59 5.48
C PRO C 289 27.65 14.10 5.64
N PRO C 290 28.73 13.58 5.07
CA PRO C 290 28.92 12.12 5.03
C PRO C 290 29.14 11.48 6.39
N ASN C 291 29.47 12.25 7.43
CA ASN C 291 29.72 11.65 8.73
C ASN C 291 28.50 11.65 9.64
N GLY C 292 27.34 12.11 9.16
CA GLY C 292 26.17 12.14 10.00
C GLY C 292 25.52 10.78 10.16
N HIS C 293 24.73 10.66 11.22
CA HIS C 293 24.01 9.42 11.49
C HIS C 293 22.79 9.73 12.34
N PHE C 294 21.80 8.83 12.30
CA PHE C 294 20.61 8.97 13.11
C PHE C 294 20.88 8.56 14.55
N ARG C 295 20.20 9.23 15.48
CA ARG C 295 20.32 8.97 16.90
C ARG C 295 18.92 8.89 17.50
N PHE C 296 18.65 7.83 18.25
CA PHE C 296 17.35 7.70 18.91
C PHE C 296 17.23 8.73 20.02
N ASP C 297 16.17 9.53 19.97
CA ASP C 297 15.96 10.60 20.95
C ASP C 297 14.96 10.20 22.04
N SER C 298 13.74 9.85 21.65
CA SER C 298 12.66 9.61 22.61
C SER C 298 11.51 8.88 21.93
N TRP C 299 10.56 8.44 22.75
CA TRP C 299 9.31 7.82 22.30
C TRP C 299 8.21 8.87 22.33
N VAL C 300 7.53 9.05 21.20
CA VAL C 300 6.43 9.99 21.06
C VAL C 300 5.28 9.28 20.36
N ASN C 301 4.11 9.90 20.41
CA ASN C 301 2.98 9.34 19.68
C ASN C 301 3.05 9.73 18.20
N GLN C 302 2.14 9.17 17.41
CA GLN C 302 2.16 9.42 15.96
C GLN C 302 1.67 10.80 15.59
N PHE C 303 1.21 11.60 16.55
CA PHE C 303 0.75 12.96 16.30
C PHE C 303 1.81 14.00 16.62
N TYR C 304 3.03 13.57 16.92
CA TYR C 304 4.13 14.49 17.17
C TYR C 304 4.37 15.36 15.94
N SER C 305 4.53 16.66 16.16
CA SER C 305 4.74 17.60 15.06
C SER C 305 6.25 17.81 14.90
N LEU C 306 6.79 17.32 13.79
CA LEU C 306 8.21 17.45 13.52
C LEU C 306 8.57 18.88 13.12
N ALA C 307 9.79 19.28 13.45
CA ALA C 307 10.34 20.50 12.88
C ALA C 307 10.50 20.33 11.38
N PRO C 308 10.12 21.33 10.58
CA PRO C 308 10.22 21.19 9.12
C PRO C 308 11.65 20.86 8.68
N MET C 309 11.76 19.89 7.78
CA MET C 309 13.06 19.50 7.25
C MET C 309 13.26 20.14 5.87
N THR D 1 32.62 -0.98 32.99
CA THR D 1 33.25 -1.56 31.81
C THR D 1 32.22 -2.28 30.94
N LYS D 2 32.24 -1.98 29.65
CA LYS D 2 31.26 -2.56 28.73
C LYS D 2 31.54 -4.05 28.53
N PRO D 3 30.58 -4.93 28.80
CA PRO D 3 30.83 -6.36 28.63
C PRO D 3 30.99 -6.74 27.16
N PHE D 4 31.91 -7.66 26.90
CA PHE D 4 32.11 -8.20 25.56
C PHE D 4 31.03 -9.22 25.25
N THR D 5 30.48 -9.15 24.04
CA THR D 5 29.42 -10.03 23.61
C THR D 5 29.63 -10.44 22.16
N LEU D 6 29.08 -11.60 21.81
CA LEU D 6 28.95 -12.06 20.44
C LEU D 6 27.52 -11.89 19.96
N PRO D 7 27.30 -11.66 18.66
CA PRO D 7 25.94 -11.69 18.14
C PRO D 7 25.41 -13.12 18.17
N ILE D 8 24.10 -13.24 18.38
CA ILE D 8 23.44 -14.54 18.38
C ILE D 8 22.99 -14.78 16.94
N LEU D 9 23.80 -15.52 16.19
CA LEU D 9 23.52 -15.78 14.79
C LEU D 9 23.95 -17.20 14.46
N THR D 10 23.07 -17.95 13.80
CA THR D 10 23.42 -19.29 13.38
C THR D 10 24.35 -19.23 12.16
N ILE D 11 24.83 -20.41 11.76
CA ILE D 11 25.75 -20.51 10.63
C ILE D 11 25.10 -19.94 9.37
N SER D 12 23.84 -20.27 9.14
CA SER D 12 23.13 -19.77 7.96
C SER D 12 22.79 -18.29 8.05
N GLU D 13 23.09 -17.63 9.17
CA GLU D 13 22.85 -16.20 9.35
C GLU D 13 24.15 -15.41 9.36
N LEU D 14 25.22 -15.99 8.82
CA LEU D 14 26.54 -15.38 8.80
C LEU D 14 27.04 -15.22 7.37
N THR D 15 27.79 -14.15 7.14
CA THR D 15 28.33 -13.82 5.83
C THR D 15 29.84 -13.96 5.85
N ASN D 16 30.39 -14.55 4.79
CA ASN D 16 31.84 -14.58 4.63
C ASN D 16 32.37 -13.16 4.51
N SER D 17 33.46 -12.89 5.21
CA SER D 17 34.04 -11.55 5.20
C SER D 17 35.07 -11.35 4.10
N ARG D 18 35.41 -12.41 3.35
CA ARG D 18 36.36 -12.31 2.25
C ARG D 18 35.70 -12.40 0.89
N PHE D 19 34.40 -12.64 0.83
CA PHE D 19 33.65 -12.71 -0.42
C PHE D 19 32.17 -12.68 -0.06
N PRO D 20 31.33 -12.00 -0.82
CA PRO D 20 29.93 -11.80 -0.38
C PRO D 20 29.01 -12.98 -0.68
N ILE D 21 29.20 -14.08 0.04
CA ILE D 21 28.22 -15.17 0.09
C ILE D 21 28.14 -15.67 1.53
N PRO D 22 27.07 -16.39 1.88
CA PRO D 22 26.90 -16.83 3.27
C PRO D 22 27.92 -17.88 3.68
N ILE D 23 28.15 -17.96 5.00
CA ILE D 23 28.91 -19.06 5.57
C ILE D 23 28.12 -20.35 5.39
N GLU D 24 28.84 -21.45 5.17
CA GLU D 24 28.21 -22.76 5.00
C GLU D 24 28.54 -23.75 6.10
N GLN D 25 29.73 -23.67 6.69
CA GLN D 25 30.14 -24.58 7.76
C GLN D 25 31.32 -23.99 8.51
N LEU D 26 31.63 -24.62 9.64
CA LEU D 26 32.86 -24.37 10.37
C LEU D 26 33.86 -25.46 10.00
N TYR D 27 35.13 -25.08 9.92
CA TYR D 27 36.15 -25.98 9.39
C TYR D 27 37.47 -25.70 10.10
N THR D 28 38.12 -26.77 10.56
CA THR D 28 39.44 -26.66 11.15
C THR D 28 40.43 -27.49 10.34
N ALA D 29 41.69 -27.06 10.34
CA ALA D 29 42.76 -27.74 9.63
C ALA D 29 44.11 -27.17 10.06
N PRO D 30 45.18 -27.96 9.98
CA PRO D 30 46.51 -27.40 10.25
C PRO D 30 46.93 -26.40 9.18
N ASN D 31 47.87 -25.54 9.56
CA ASN D 31 48.40 -24.47 8.73
C ASN D 31 49.44 -24.92 7.73
N GLU D 32 49.52 -26.21 7.39
CA GLU D 32 50.79 -26.89 7.12
C GLU D 32 51.84 -26.03 6.43
N ASN D 33 51.55 -25.58 5.21
CA ASN D 33 52.45 -24.68 4.50
C ASN D 33 51.74 -23.42 4.02
N ASN D 34 50.52 -23.17 4.50
CA ASN D 34 49.79 -21.95 4.17
C ASN D 34 50.18 -20.84 5.14
N VAL D 35 50.45 -19.66 4.59
CA VAL D 35 50.53 -18.45 5.40
C VAL D 35 49.10 -17.93 5.54
N VAL D 36 48.56 -17.96 6.75
CA VAL D 36 47.17 -17.56 6.99
C VAL D 36 47.20 -16.08 7.34
N GLN D 37 47.12 -15.23 6.32
CA GLN D 37 47.25 -13.78 6.50
C GLN D 37 46.24 -13.04 5.65
N CYS D 38 44.98 -13.49 5.67
CA CYS D 38 43.94 -12.78 4.95
C CYS D 38 43.76 -11.38 5.53
N GLN D 39 43.44 -10.42 4.65
CA GLN D 39 43.35 -9.02 5.03
C GLN D 39 41.91 -8.53 5.18
N ASN D 40 40.94 -9.23 4.62
CA ASN D 40 39.54 -8.93 4.88
C ASN D 40 39.04 -9.79 6.04
N GLY D 41 38.06 -9.26 6.75
CA GLY D 41 37.56 -9.97 7.94
C GLY D 41 38.55 -9.94 9.08
N ARG D 42 39.30 -8.86 9.22
CA ARG D 42 40.28 -8.73 10.29
C ARG D 42 39.83 -7.62 11.23
N CYS D 43 39.67 -7.97 12.52
CA CYS D 43 39.20 -7.05 13.53
C CYS D 43 39.52 -7.55 14.94
N THR D 44 40.05 -6.67 15.79
CA THR D 44 40.27 -7.08 17.18
C THR D 44 38.95 -7.17 17.93
N LEU D 45 38.98 -7.87 19.05
CA LEU D 45 37.76 -8.04 19.85
C LEU D 45 37.23 -6.72 20.40
N ASP D 46 38.09 -5.71 20.58
CA ASP D 46 37.62 -4.41 21.06
C ASP D 46 37.32 -3.45 19.92
N GLY D 47 37.23 -3.94 18.69
CA GLY D 47 36.68 -3.18 17.59
C GLY D 47 37.65 -2.42 16.71
N GLU D 48 38.93 -2.80 16.66
CA GLU D 48 39.91 -2.15 15.80
C GLU D 48 39.99 -2.93 14.49
N LEU D 49 39.48 -2.32 13.41
CA LEU D 49 39.58 -2.94 12.09
C LEU D 49 41.04 -2.97 11.63
N GLN D 50 41.41 -4.04 10.93
CA GLN D 50 42.78 -4.22 10.48
C GLN D 50 42.82 -4.61 9.01
N GLY D 51 44.01 -4.49 8.42
CA GLY D 51 44.20 -4.91 7.04
C GLY D 51 43.42 -4.05 6.08
N THR D 52 42.66 -4.70 5.20
CA THR D 52 41.78 -4.03 4.25
C THR D 52 40.32 -4.14 4.65
N THR D 53 40.05 -4.32 5.94
CA THR D 53 38.70 -4.67 6.38
C THR D 53 37.84 -3.42 6.53
N GLN D 54 36.64 -3.48 5.95
CA GLN D 54 35.62 -2.47 6.18
C GLN D 54 34.31 -3.17 6.51
N LEU D 55 33.20 -2.43 6.56
CA LEU D 55 31.99 -2.95 7.18
C LEU D 55 31.00 -3.59 6.23
N LEU D 56 31.10 -3.34 4.91
CA LEU D 56 30.08 -3.75 3.96
C LEU D 56 30.50 -4.99 3.19
N SER D 57 29.67 -6.03 3.22
CA SER D 57 29.87 -7.17 2.33
C SER D 57 29.80 -6.76 0.87
N SER D 58 28.96 -5.77 0.55
CA SER D 58 28.82 -5.31 -0.82
C SER D 58 30.06 -4.58 -1.32
N ALA D 59 31.06 -4.34 -0.46
CA ALA D 59 32.31 -3.72 -0.86
C ALA D 59 33.44 -4.73 -0.99
N VAL D 60 33.24 -5.97 -0.58
CA VAL D 60 34.30 -6.98 -0.61
C VAL D 60 34.38 -7.56 -2.02
N CYS D 61 35.55 -7.42 -2.64
CA CYS D 61 35.79 -7.81 -4.04
C CYS D 61 34.93 -7.02 -5.02
N SER D 62 34.43 -5.86 -4.59
CA SER D 62 33.73 -4.93 -5.46
C SER D 62 34.62 -3.74 -5.74
N TYR D 63 34.56 -3.23 -6.97
CA TYR D 63 35.37 -2.11 -7.39
C TYR D 63 34.52 -1.13 -8.18
N ARG D 64 34.98 0.12 -8.21
CA ARG D 64 34.35 1.18 -8.98
C ARG D 64 35.41 2.19 -9.38
N GLY D 65 35.15 2.88 -10.48
CA GLY D 65 36.03 3.92 -10.95
C GLY D 65 35.87 4.12 -12.45
N ARG D 66 36.88 4.76 -13.03
CA ARG D 66 36.90 5.12 -14.43
C ARG D 66 37.74 4.13 -15.22
N THR D 67 37.20 3.67 -16.36
CA THR D 67 37.93 2.78 -17.24
C THR D 67 38.91 3.56 -18.10
N VAL D 68 40.04 2.93 -18.39
CA VAL D 68 41.12 3.53 -19.16
C VAL D 68 41.55 2.54 -20.23
N ALA D 69 41.62 3.00 -21.47
CA ALA D 69 42.09 2.16 -22.56
C ALA D 69 43.52 1.71 -22.29
N ASN D 70 43.77 0.40 -22.41
CA ASN D 70 45.09 -0.17 -22.19
C ASN D 70 45.28 -1.27 -23.23
N SER D 71 45.93 -0.91 -24.34
CA SER D 71 46.19 -1.85 -25.41
C SER D 71 47.68 -2.07 -25.57
N GLY D 72 48.07 -3.33 -25.76
CA GLY D 72 49.43 -3.64 -26.15
C GLY D 72 50.19 -4.69 -25.37
N ASP D 73 50.01 -4.78 -24.04
CA ASP D 73 50.96 -5.63 -23.33
C ASP D 73 50.61 -7.11 -23.42
N ASN D 74 49.63 -7.57 -22.64
CA ASN D 74 49.22 -8.97 -22.78
C ASN D 74 47.71 -9.21 -22.78
N TRP D 75 47.05 -8.76 -21.73
CA TRP D 75 45.85 -9.43 -21.25
C TRP D 75 44.72 -8.51 -20.79
N ASP D 76 45.01 -7.27 -20.39
CA ASP D 76 44.00 -6.35 -19.88
C ASP D 76 43.74 -5.30 -20.94
N GLN D 77 42.56 -5.34 -21.56
CA GLN D 77 42.23 -4.36 -22.59
C GLN D 77 41.92 -2.99 -22.00
N ASN D 78 41.50 -2.96 -20.73
CA ASN D 78 41.24 -1.71 -20.03
C ASN D 78 41.77 -1.82 -18.61
N LEU D 79 42.05 -0.67 -18.02
CA LEU D 79 42.35 -0.56 -16.60
C LEU D 79 41.17 0.11 -15.90
N LEU D 80 41.05 -0.14 -14.60
CA LEU D 80 40.05 0.54 -13.78
C LEU D 80 40.77 1.42 -12.77
N GLN D 81 40.58 2.73 -12.87
CA GLN D 81 41.16 3.66 -11.91
C GLN D 81 40.24 3.73 -10.70
N LEU D 82 40.67 3.17 -9.57
CA LEU D 82 39.76 2.96 -8.45
C LEU D 82 39.41 4.27 -7.75
N THR D 83 38.13 4.42 -7.41
CA THR D 83 37.64 5.52 -6.60
C THR D 83 36.93 5.00 -5.36
N TYR D 84 36.87 5.85 -4.33
CA TYR D 84 36.09 5.54 -3.14
C TYR D 84 34.62 5.37 -3.51
N PRO D 85 33.82 4.77 -2.61
CA PRO D 85 32.41 4.49 -2.93
C PRO D 85 31.62 5.63 -3.59
N SER D 86 32.09 6.87 -3.50
CA SER D 86 31.36 8.00 -4.07
C SER D 86 32.29 8.94 -4.84
N GLY D 87 33.20 8.38 -5.63
CA GLY D 87 33.90 9.13 -6.66
C GLY D 87 35.26 9.66 -6.28
N ALA D 88 35.58 9.81 -4.99
CA ALA D 88 36.85 10.38 -4.61
C ALA D 88 38.00 9.42 -4.91
N SER D 89 39.11 9.96 -5.41
CA SER D 89 40.23 9.13 -5.81
C SER D 89 40.92 8.53 -4.59
N TYR D 90 41.37 7.28 -4.74
CA TYR D 90 42.01 6.58 -3.63
C TYR D 90 43.42 7.11 -3.40
N ASP D 91 43.77 7.26 -2.12
CA ASP D 91 45.06 7.82 -1.71
C ASP D 91 46.03 6.68 -1.42
N PRO D 92 47.05 6.45 -2.26
CA PRO D 92 47.99 5.35 -1.99
C PRO D 92 48.83 5.53 -0.75
N THR D 93 48.90 6.73 -0.18
CA THR D 93 49.72 6.99 1.00
C THR D 93 49.06 6.53 2.30
N ASP D 94 47.85 5.99 2.25
CA ASP D 94 47.21 5.49 3.46
C ASP D 94 47.97 4.26 3.98
N GLU D 95 47.99 4.12 5.30
CA GLU D 95 48.70 3.02 5.95
C GLU D 95 47.85 1.75 5.94
N VAL D 96 47.50 1.35 4.72
CA VAL D 96 46.72 0.14 4.49
C VAL D 96 47.40 -0.64 3.37
N PRO D 97 47.19 -1.96 3.31
CA PRO D 97 47.82 -2.74 2.23
C PRO D 97 47.28 -2.38 0.86
N ALA D 98 46.03 -1.92 0.78
CA ALA D 98 45.29 -1.75 -0.46
C ALA D 98 43.95 -1.11 -0.12
N PRO D 99 43.19 -0.60 -1.10
CA PRO D 99 41.85 -0.06 -0.79
C PRO D 99 41.02 -1.08 -0.02
N LEU D 100 40.24 -0.59 0.94
CA LEU D 100 39.44 -1.47 1.77
C LEU D 100 38.46 -2.28 0.92
N GLY D 101 38.42 -3.58 1.15
CA GLY D 101 37.60 -4.48 0.38
C GLY D 101 38.32 -5.18 -0.77
N THR D 102 39.55 -4.79 -1.07
CA THR D 102 40.30 -5.42 -2.15
C THR D 102 40.39 -6.93 -1.93
N GLN D 103 40.29 -7.69 -3.01
CA GLN D 103 40.44 -9.13 -2.92
C GLN D 103 41.76 -9.48 -2.27
N ASP D 104 41.73 -10.44 -1.35
CA ASP D 104 42.93 -10.86 -0.61
C ASP D 104 43.31 -12.31 -0.92
N PHE D 105 43.03 -12.76 -2.14
CA PHE D 105 43.44 -14.08 -2.60
C PHE D 105 44.07 -13.96 -3.98
N SER D 106 45.05 -14.83 -4.25
CA SER D 106 45.73 -14.83 -5.53
C SER D 106 44.94 -15.62 -6.56
N GLY D 107 44.97 -15.15 -7.81
CA GLY D 107 44.29 -15.83 -8.88
C GLY D 107 43.30 -14.94 -9.61
N ILE D 108 42.23 -15.52 -10.12
CA ILE D 108 41.30 -14.82 -11.00
C ILE D 108 39.97 -14.61 -10.28
N LEU D 109 39.55 -13.35 -10.22
CA LEU D 109 38.22 -12.97 -9.77
C LEU D 109 37.36 -12.67 -10.98
N TYR D 110 36.17 -13.26 -11.04
CA TYR D 110 35.23 -13.03 -12.11
C TYR D 110 34.02 -12.22 -11.62
N GLY D 111 33.59 -11.28 -12.44
CA GLY D 111 32.39 -10.53 -12.16
C GLY D 111 31.91 -9.80 -13.39
N VAL D 112 30.95 -8.90 -13.18
CA VAL D 112 30.30 -8.16 -14.27
C VAL D 112 30.56 -6.68 -14.07
N LEU D 113 31.09 -6.04 -15.11
CA LEU D 113 31.26 -4.59 -15.10
C LEU D 113 30.04 -3.95 -15.71
N THR D 114 29.53 -2.91 -15.05
CA THR D 114 28.46 -2.10 -15.61
C THR D 114 28.96 -0.67 -15.82
N GLN D 115 28.43 -0.01 -16.85
CA GLN D 115 28.96 1.26 -17.32
C GLN D 115 27.77 2.17 -17.62
N ASP D 116 28.00 3.21 -18.44
CA ASP D 116 26.91 4.09 -18.86
C ASP D 116 25.74 3.28 -19.39
N ASN D 117 24.53 3.66 -18.97
CA ASN D 117 23.33 2.98 -19.43
C ASN D 117 23.18 3.17 -20.94
N VAL D 118 22.62 2.15 -21.58
CA VAL D 118 22.38 2.16 -23.02
C VAL D 118 20.88 2.09 -23.26
N SER D 119 20.50 2.42 -24.49
CA SER D 119 19.08 2.40 -24.86
C SER D 119 18.55 0.98 -24.87
N GLU D 120 17.23 0.85 -24.76
CA GLU D 120 16.59 -0.46 -24.78
C GLU D 120 16.92 -1.19 -26.07
N GLY D 121 16.94 -0.49 -27.20
CA GLY D 121 17.17 -1.13 -28.48
C GLY D 121 18.60 -1.58 -28.73
N THR D 122 19.52 -1.30 -27.80
CA THR D 122 20.90 -1.69 -28.00
C THR D 122 21.03 -3.22 -27.90
N GLY D 123 20.19 -3.83 -27.07
CA GLY D 123 20.18 -5.25 -26.94
C GLY D 123 20.15 -5.67 -25.47
N GLU D 124 20.02 -6.99 -25.29
CA GLU D 124 19.90 -7.58 -23.97
C GLU D 124 21.25 -7.64 -23.29
N ALA D 125 21.30 -7.13 -22.04
CA ALA D 125 22.51 -7.17 -21.21
C ALA D 125 23.71 -6.54 -21.92
N LYS D 126 23.46 -5.48 -22.70
CA LYS D 126 24.55 -4.82 -23.40
C LYS D 126 25.41 -3.97 -22.49
N ASN D 127 24.86 -3.50 -21.37
CA ASN D 127 25.63 -2.80 -20.35
C ASN D 127 26.11 -3.75 -19.25
N ALA D 128 26.36 -5.01 -19.59
CA ALA D 128 26.90 -5.98 -18.64
C ALA D 128 28.11 -6.63 -19.30
N LYS D 129 29.28 -6.45 -18.70
CA LYS D 129 30.54 -6.87 -19.29
C LYS D 129 31.19 -7.89 -18.36
N GLY D 130 31.23 -9.16 -18.78
CA GLY D 130 31.88 -10.18 -17.99
C GLY D 130 33.39 -10.04 -18.09
N VAL D 131 34.08 -9.92 -16.97
CA VAL D 131 35.51 -9.64 -16.98
C VAL D 131 36.24 -10.50 -15.95
N TYR D 132 37.51 -10.73 -16.21
CA TYR D 132 38.42 -11.38 -15.27
C TYR D 132 39.33 -10.33 -14.65
N ILE D 133 39.50 -10.37 -13.34
CA ILE D 133 40.49 -9.53 -12.65
C ILE D 133 41.53 -10.48 -12.06
N SER D 134 42.66 -10.63 -12.74
CA SER D 134 43.71 -11.54 -12.32
C SER D 134 44.77 -10.81 -11.52
N THR D 135 45.13 -11.36 -10.35
CA THR D 135 46.16 -10.77 -9.52
C THR D 135 47.57 -11.06 -10.01
N THR D 136 47.73 -12.00 -10.94
CA THR D 136 49.03 -12.28 -11.53
C THR D 136 49.32 -11.40 -12.73
N SER D 137 48.36 -10.58 -13.15
CA SER D 137 48.62 -9.59 -14.18
C SER D 137 49.48 -8.45 -13.64
N GLY D 138 50.35 -7.92 -14.51
CA GLY D 138 51.16 -6.79 -14.13
C GLY D 138 50.35 -5.54 -13.83
N LYS D 139 49.11 -5.48 -14.32
CA LYS D 139 48.24 -4.35 -14.09
C LYS D 139 47.42 -4.47 -12.80
N PHE D 140 47.59 -5.53 -12.03
CA PHE D 140 46.90 -5.63 -10.74
C PHE D 140 47.71 -4.85 -9.71
N THR D 141 47.42 -3.56 -9.59
CA THR D 141 48.12 -2.66 -8.68
C THR D 141 47.13 -1.86 -7.85
N PRO D 142 46.24 -2.52 -7.10
CA PRO D 142 45.19 -1.75 -6.40
C PRO D 142 45.75 -0.76 -5.39
N LYS D 143 46.95 -0.99 -4.87
CA LYS D 143 47.50 -0.11 -3.85
C LYS D 143 47.79 1.28 -4.40
N ILE D 144 48.06 1.39 -5.71
CA ILE D 144 48.23 2.70 -6.34
C ILE D 144 46.97 3.13 -7.07
N GLY D 145 45.88 2.36 -6.96
CA GLY D 145 44.59 2.78 -7.46
C GLY D 145 44.28 2.35 -8.87
N SER D 146 44.79 1.21 -9.32
CA SER D 146 44.51 0.75 -10.68
C SER D 146 44.57 -0.76 -10.73
N ILE D 147 43.60 -1.36 -11.42
CA ILE D 147 43.56 -2.81 -11.64
C ILE D 147 43.26 -3.06 -13.11
N GLY D 148 43.64 -4.25 -13.56
CA GLY D 148 43.46 -4.64 -14.96
C GLY D 148 42.18 -5.43 -15.16
N LEU D 149 41.51 -5.15 -16.27
CA LEU D 149 40.24 -5.79 -16.62
C LEU D 149 40.44 -6.59 -17.91
N HIS D 150 40.23 -7.90 -17.84
CA HIS D 150 40.28 -8.78 -19.00
C HIS D 150 38.84 -9.06 -19.45
N SER D 151 38.50 -8.61 -20.65
CA SER D 151 37.15 -8.76 -21.16
C SER D 151 36.91 -10.19 -21.64
N ILE D 152 35.77 -10.75 -21.25
CA ILE D 152 35.32 -12.05 -21.73
C ILE D 152 34.10 -11.90 -22.63
N THR D 153 33.11 -11.14 -22.19
CA THR D 153 31.90 -10.85 -22.95
C THR D 153 31.63 -9.36 -22.92
N GLU D 154 31.10 -8.82 -24.02
CA GLU D 154 30.68 -7.42 -24.07
C GLU D 154 31.82 -6.44 -23.85
N ASN D 155 32.66 -6.25 -24.88
CA ASN D 155 33.75 -5.27 -24.88
C ASN D 155 33.47 -4.06 -23.99
N VAL D 156 34.46 -3.73 -23.15
CA VAL D 156 34.37 -2.66 -22.16
C VAL D 156 34.71 -1.33 -22.81
N HIS D 157 33.92 -0.30 -22.51
CA HIS D 157 34.12 1.05 -23.03
C HIS D 157 35.08 1.83 -22.13
N PRO D 158 36.00 2.61 -22.69
CA PRO D 158 36.89 3.42 -21.87
C PRO D 158 36.26 4.74 -21.48
N ASN D 159 36.84 5.36 -20.45
CA ASN D 159 36.45 6.70 -20.00
C ASN D 159 34.98 6.77 -19.58
N GLN D 160 34.52 5.72 -18.89
CA GLN D 160 33.16 5.69 -18.36
C GLN D 160 33.20 5.27 -16.90
N GLN D 161 32.37 5.91 -16.08
CA GLN D 161 32.23 5.50 -14.69
C GLN D 161 31.65 4.10 -14.63
N SER D 162 32.34 3.20 -13.94
CA SER D 162 32.04 1.78 -14.01
C SER D 162 32.01 1.15 -12.63
N ARG D 163 31.16 0.14 -12.47
CA ARG D 163 31.08 -0.65 -11.24
C ARG D 163 31.36 -2.11 -11.57
N PHE D 164 32.13 -2.78 -10.70
CA PHE D 164 32.41 -4.20 -10.84
C PHE D 164 31.69 -4.97 -9.76
N THR D 165 30.80 -5.88 -10.16
CA THR D 165 30.09 -6.70 -9.19
C THR D 165 30.68 -8.09 -9.18
N PRO D 166 31.21 -8.59 -8.06
CA PRO D 166 31.83 -9.91 -8.07
C PRO D 166 30.80 -11.03 -8.15
N VAL D 167 31.15 -12.08 -8.88
CA VAL D 167 30.31 -13.28 -8.98
C VAL D 167 31.02 -14.50 -8.41
N GLY D 168 32.29 -14.68 -8.73
CA GLY D 168 33.01 -15.84 -8.23
C GLY D 168 34.47 -15.77 -8.61
N VAL D 169 35.13 -16.92 -8.57
CA VAL D 169 36.54 -17.01 -8.92
C VAL D 169 36.69 -17.88 -10.15
N ALA D 170 37.92 -17.96 -10.65
CA ALA D 170 38.18 -18.74 -11.85
C ALA D 170 39.60 -19.29 -11.77
N GLN D 171 39.83 -20.36 -12.50
CA GLN D 171 41.14 -20.99 -12.55
C GLN D 171 41.39 -21.43 -13.99
N ASN D 172 42.43 -20.88 -14.60
CA ASN D 172 42.84 -21.33 -15.92
C ASN D 172 44.17 -22.09 -15.80
N GLU D 173 44.77 -22.38 -16.94
CA GLU D 173 45.88 -23.34 -16.98
C GLU D 173 47.10 -22.87 -16.20
N ASN D 174 47.33 -21.56 -16.07
CA ASN D 174 48.56 -21.08 -15.48
C ASN D 174 48.38 -20.12 -14.30
N THR D 175 47.15 -19.91 -13.82
CA THR D 175 46.95 -19.15 -12.58
C THR D 175 45.93 -19.88 -11.71
N PRO D 176 46.41 -20.68 -10.78
CA PRO D 176 45.49 -21.36 -9.85
C PRO D 176 44.95 -20.41 -8.79
N PHE D 177 43.84 -20.81 -8.20
CA PHE D 177 43.17 -20.03 -7.15
C PHE D 177 43.79 -20.39 -5.81
N GLN D 178 44.53 -19.45 -5.23
CA GLN D 178 45.31 -19.66 -4.02
C GLN D 178 44.81 -18.71 -2.95
N GLN D 179 43.89 -19.19 -2.11
CA GLN D 179 43.23 -18.30 -1.16
C GLN D 179 44.13 -17.84 -0.02
N TRP D 180 45.29 -18.47 0.18
CA TRP D 180 46.19 -18.08 1.26
C TRP D 180 47.47 -17.44 0.75
N VAL D 181 47.57 -17.14 -0.54
CA VAL D 181 48.65 -16.34 -1.08
C VAL D 181 48.10 -14.95 -1.34
N LEU D 182 48.51 -13.99 -0.53
CA LEU D 182 48.08 -12.62 -0.74
C LEU D 182 48.56 -12.14 -2.11
N PRO D 183 47.73 -11.40 -2.84
CA PRO D 183 48.18 -10.86 -4.13
C PRO D 183 49.18 -9.72 -3.91
N HIS D 184 49.92 -9.40 -4.98
CA HIS D 184 50.86 -8.28 -4.90
C HIS D 184 50.05 -7.00 -5.07
N TYR D 185 49.67 -6.40 -3.95
CA TYR D 185 48.85 -5.19 -3.97
C TYR D 185 49.51 -4.06 -4.73
N ALA D 186 50.85 -4.02 -4.74
CA ALA D 186 51.58 -2.91 -5.34
C ALA D 186 52.18 -3.25 -6.70
N GLY D 187 51.82 -4.40 -7.27
CA GLY D 187 52.29 -4.79 -8.59
C GLY D 187 53.33 -5.89 -8.52
N ALA D 188 53.68 -6.37 -9.72
CA ALA D 188 54.68 -7.42 -9.83
C ALA D 188 56.00 -6.96 -9.24
N LEU D 189 56.68 -7.88 -8.55
CA LEU D 189 57.97 -7.69 -7.89
C LEU D 189 57.91 -6.78 -6.68
N ALA D 190 56.72 -6.40 -6.23
CA ALA D 190 56.56 -5.53 -5.07
C ALA D 190 55.93 -6.31 -3.91
N LEU D 191 56.43 -6.06 -2.71
CA LEU D 191 55.93 -6.76 -1.53
C LEU D 191 54.86 -5.92 -0.82
N ASN D 192 53.99 -6.62 -0.08
CA ASN D 192 52.86 -5.98 0.58
C ASN D 192 53.28 -5.35 1.90
N THR D 193 52.60 -4.27 2.27
CA THR D 193 52.91 -3.49 3.45
C THR D 193 51.65 -3.27 4.27
N ASN D 194 51.85 -2.89 5.54
CA ASN D 194 50.76 -2.55 6.46
C ASN D 194 49.78 -3.69 6.64
N LEU D 195 50.26 -4.93 6.60
CA LEU D 195 49.38 -6.09 6.65
C LEU D 195 48.91 -6.40 8.06
N ALA D 196 47.65 -6.82 8.17
CA ALA D 196 47.23 -7.50 9.38
C ALA D 196 48.13 -8.72 9.60
N PRO D 197 48.49 -9.04 10.83
CA PRO D 197 49.45 -10.13 11.05
C PRO D 197 48.91 -11.47 10.59
N ALA D 198 49.83 -12.37 10.27
CA ALA D 198 49.50 -13.77 10.04
C ALA D 198 49.18 -14.45 11.36
N VAL D 199 48.28 -15.43 11.31
CA VAL D 199 47.81 -16.11 12.51
C VAL D 199 48.14 -17.59 12.41
N ALA D 200 48.33 -18.22 13.57
CA ALA D 200 48.68 -19.63 13.66
C ALA D 200 48.43 -20.09 15.09
N PRO D 201 48.13 -21.37 15.30
CA PRO D 201 48.01 -21.88 16.66
C PRO D 201 49.37 -21.91 17.36
N THR D 202 49.38 -21.50 18.63
CA THR D 202 50.60 -21.40 19.42
C THR D 202 50.55 -22.28 20.66
N PHE D 203 49.49 -23.06 20.84
CA PHE D 203 49.34 -23.94 21.98
C PHE D 203 49.31 -25.39 21.51
N PRO D 204 49.89 -26.32 22.27
CA PRO D 204 49.97 -27.72 21.80
C PRO D 204 48.59 -28.30 21.52
N GLY D 205 48.45 -28.88 20.34
CA GLY D 205 47.24 -29.56 19.93
C GLY D 205 46.17 -28.68 19.33
N GLU D 206 46.44 -27.41 19.09
CA GLU D 206 45.41 -26.51 18.62
C GLU D 206 45.55 -26.24 17.12
N GLU D 207 44.41 -25.92 16.50
CA GLU D 207 44.35 -25.53 15.10
C GLU D 207 43.43 -24.32 14.98
N LEU D 208 43.62 -23.56 13.90
CA LEU D 208 42.70 -22.49 13.59
C LEU D 208 41.32 -23.03 13.27
N LEU D 209 40.30 -22.24 13.56
CA LEU D 209 38.93 -22.55 13.18
C LEU D 209 38.47 -21.52 12.17
N PHE D 210 37.91 -21.97 11.06
CA PHE D 210 37.54 -21.10 9.95
C PHE D 210 36.03 -21.11 9.75
N PHE D 211 35.52 -19.99 9.22
CA PHE D 211 34.15 -19.91 8.72
C PHE D 211 34.24 -20.10 7.21
N ARG D 212 33.71 -21.21 6.71
CA ARG D 212 34.00 -21.68 5.36
C ARG D 212 32.81 -21.51 4.44
N SER D 213 33.07 -21.02 3.22
CA SER D 213 32.08 -20.95 2.17
C SER D 213 32.65 -21.55 0.89
N ARG D 214 31.76 -21.91 -0.03
CA ARG D 214 32.14 -22.34 -1.38
C ARG D 214 31.81 -21.20 -2.34
N VAL D 215 32.85 -20.57 -2.90
CA VAL D 215 32.64 -19.48 -3.85
C VAL D 215 32.36 -20.08 -5.22
N PRO D 216 31.43 -19.53 -5.99
CA PRO D 216 31.21 -20.02 -7.35
C PRO D 216 32.48 -19.92 -8.18
N CYS D 217 32.71 -20.94 -8.99
CA CYS D 217 33.87 -21.01 -9.87
C CYS D 217 33.38 -21.09 -11.30
N VAL D 218 33.72 -20.08 -12.11
CA VAL D 218 33.21 -19.99 -13.47
C VAL D 218 34.12 -20.66 -14.50
N GLN D 219 35.30 -21.11 -14.09
CA GLN D 219 36.20 -21.86 -14.98
C GLN D 219 37.15 -22.66 -14.11
N GLY D 220 37.25 -23.97 -14.37
CA GLY D 220 38.17 -24.80 -13.64
C GLY D 220 37.57 -25.43 -12.40
N LEU D 221 38.42 -26.18 -11.70
CA LEU D 221 38.04 -26.89 -10.47
C LEU D 221 36.87 -27.83 -10.72
N ARG D 222 36.90 -28.53 -11.85
CA ARG D 222 35.91 -29.54 -12.16
C ARG D 222 35.90 -30.62 -11.09
N GLY D 223 34.72 -30.93 -10.57
CA GLY D 223 34.59 -31.90 -9.51
C GLY D 223 35.22 -31.51 -8.19
N GLN D 224 35.59 -30.24 -8.04
CA GLN D 224 36.22 -29.73 -6.82
C GLN D 224 35.45 -28.50 -6.34
N ASP D 225 35.77 -28.05 -5.15
CA ASP D 225 35.18 -26.87 -4.55
C ASP D 225 36.20 -25.76 -4.44
N ALA D 226 35.78 -24.53 -4.79
CA ALA D 226 36.57 -23.34 -4.54
C ALA D 226 36.19 -22.83 -3.15
N PHE D 227 36.96 -23.24 -2.15
CA PHE D 227 36.68 -22.84 -0.78
C PHE D 227 37.30 -21.47 -0.49
N ILE D 228 36.56 -20.66 0.26
CA ILE D 228 37.13 -19.45 0.83
C ILE D 228 36.82 -19.45 2.32
N ASP D 229 37.87 -19.34 3.14
CA ASP D 229 37.79 -19.48 4.59
C ASP D 229 38.18 -18.16 5.24
N CYS D 230 37.32 -17.65 6.11
CA CYS D 230 37.63 -16.42 6.83
C CYS D 230 37.77 -16.71 8.33
N LEU D 231 38.51 -15.83 9.00
CA LEU D 231 38.78 -15.96 10.43
C LEU D 231 37.63 -15.44 11.27
N LEU D 232 36.87 -14.48 10.75
CA LEU D 232 35.71 -13.89 11.39
C LEU D 232 34.67 -13.63 10.31
N PRO D 233 33.41 -13.94 10.57
CA PRO D 233 32.35 -13.53 9.64
C PRO D 233 32.17 -12.02 9.71
N GLN D 234 31.56 -11.48 8.64
CA GLN D 234 31.36 -10.04 8.56
C GLN D 234 30.54 -9.52 9.72
N GLU D 235 29.56 -10.31 10.17
CA GLU D 235 28.67 -9.88 11.25
C GLU D 235 29.42 -9.74 12.57
N TRP D 236 30.44 -10.58 12.82
CA TRP D 236 31.25 -10.43 14.02
C TRP D 236 32.14 -9.20 13.92
N VAL D 237 32.75 -8.99 12.75
CA VAL D 237 33.55 -7.77 12.53
C VAL D 237 32.73 -6.54 12.85
N ASN D 238 31.53 -6.45 12.27
CA ASN D 238 30.69 -5.27 12.47
C ASN D 238 30.21 -5.16 13.92
N HIS D 239 29.97 -6.29 14.59
CA HIS D 239 29.53 -6.26 15.98
C HIS D 239 30.64 -5.73 16.89
N PHE D 240 31.87 -6.23 16.71
CA PHE D 240 32.97 -5.74 17.54
C PHE D 240 33.23 -4.27 17.27
N TYR D 241 33.03 -3.84 16.02
CA TYR D 241 33.21 -2.43 15.69
C TYR D 241 32.17 -1.56 16.38
N GLN D 242 30.91 -2.00 16.39
CA GLN D 242 29.85 -1.23 17.03
C GLN D 242 30.04 -1.19 18.54
N GLU D 243 30.41 -2.32 19.14
CA GLU D 243 30.41 -2.43 20.60
C GLU D 243 31.66 -1.80 21.21
N ALA D 244 32.84 -2.06 20.64
CA ALA D 244 34.10 -1.54 21.16
C ALA D 244 34.28 -1.89 22.63
N ALA D 245 33.90 -3.11 23.00
CA ALA D 245 34.03 -3.55 24.38
C ALA D 245 35.50 -3.83 24.69
N PRO D 246 36.05 -3.27 25.77
CA PRO D 246 37.46 -3.51 26.09
C PRO D 246 37.73 -4.99 26.35
N SER D 247 38.89 -5.44 25.88
CA SER D 247 39.32 -6.82 26.06
C SER D 247 39.99 -6.98 27.43
N GLN D 248 39.49 -7.94 28.21
CA GLN D 248 39.94 -8.13 29.58
C GLN D 248 41.11 -9.10 29.70
N ALA D 249 41.39 -9.89 28.66
CA ALA D 249 42.48 -10.85 28.69
C ALA D 249 42.85 -11.18 27.25
N ASP D 250 43.79 -12.11 27.10
CA ASP D 250 44.27 -12.48 25.77
C ASP D 250 43.29 -13.37 25.01
N VAL D 251 42.40 -14.08 25.71
CA VAL D 251 41.50 -15.04 25.09
C VAL D 251 40.10 -14.88 25.66
N ALA D 252 39.10 -14.80 24.78
CA ALA D 252 37.70 -14.90 25.15
C ALA D 252 37.27 -16.34 24.95
N LEU D 253 37.04 -17.06 26.04
CA LEU D 253 36.59 -18.44 25.94
C LEU D 253 35.15 -18.46 25.46
N ILE D 254 34.89 -19.10 24.33
CA ILE D 254 33.55 -19.14 23.77
C ILE D 254 33.09 -20.60 23.67
N ARG D 255 31.80 -20.80 23.88
CA ARG D 255 31.19 -22.13 23.83
C ARG D 255 30.12 -22.17 22.75
N TYR D 256 30.15 -23.20 21.92
CA TYR D 256 29.13 -23.41 20.91
C TYR D 256 27.96 -24.16 21.52
N VAL D 257 26.77 -23.57 21.48
CA VAL D 257 25.63 -24.11 22.22
C VAL D 257 24.50 -24.44 21.26
N ASN D 258 23.72 -25.45 21.62
CA ASN D 258 22.49 -25.79 20.93
C ASN D 258 21.34 -25.28 21.78
N PRO D 259 20.70 -24.16 21.43
CA PRO D 259 19.64 -23.61 22.29
C PRO D 259 18.41 -24.49 22.42
N ASP D 260 18.17 -25.41 21.49
CA ASP D 260 16.99 -26.28 21.60
C ASP D 260 17.21 -27.34 22.66
N THR D 261 18.36 -28.01 22.63
CA THR D 261 18.69 -29.01 23.64
C THR D 261 19.34 -28.40 24.87
N GLY D 262 19.94 -27.21 24.75
CA GLY D 262 20.54 -26.53 25.87
C GLY D 262 21.95 -26.93 26.20
N ARG D 263 22.60 -27.73 25.37
CA ARG D 263 23.91 -28.27 25.66
C ARG D 263 25.01 -27.48 24.95
N THR D 264 26.22 -27.59 25.51
CA THR D 264 27.42 -27.10 24.84
C THR D 264 28.00 -28.22 24.00
N LEU D 265 28.33 -27.92 22.75
CA LEU D 265 28.80 -28.97 21.85
C LEU D 265 30.31 -29.02 21.76
N PHE D 266 30.98 -27.87 21.83
CA PHE D 266 32.43 -27.80 21.96
C PHE D 266 32.79 -26.39 22.41
N GLU D 267 34.06 -26.19 22.74
CA GLU D 267 34.57 -24.89 23.16
C GLU D 267 35.78 -24.51 22.34
N ALA D 268 36.09 -23.21 22.36
CA ALA D 268 37.13 -22.66 21.50
C ALA D 268 37.69 -21.39 22.14
N LYS D 269 38.88 -21.01 21.68
CA LYS D 269 39.56 -19.81 22.15
C LYS D 269 39.43 -18.71 21.11
N LEU D 270 38.73 -17.63 21.46
CA LEU D 270 38.63 -16.46 20.60
C LEU D 270 39.69 -15.46 21.07
N HIS D 271 40.78 -15.36 20.31
CA HIS D 271 41.91 -14.52 20.70
C HIS D 271 41.58 -13.05 20.46
N ARG D 272 42.21 -12.19 21.27
CA ARG D 272 41.86 -10.77 21.26
C ARG D 272 42.18 -10.08 19.94
N SER D 273 43.07 -10.64 19.14
CA SER D 273 43.39 -10.07 17.83
C SER D 273 42.41 -10.52 16.74
N GLY D 274 41.42 -11.36 17.07
CA GLY D 274 40.36 -11.66 16.14
C GLY D 274 40.49 -12.94 15.32
N PHE D 275 40.76 -14.06 15.98
CA PHE D 275 40.73 -15.36 15.33
C PHE D 275 40.47 -16.44 16.38
N ILE D 276 40.14 -17.64 15.92
CA ILE D 276 39.68 -18.71 16.77
C ILE D 276 40.61 -19.92 16.63
N THR D 277 40.92 -20.55 17.76
CA THR D 277 41.60 -21.83 17.76
C THR D 277 40.76 -22.85 18.52
N VAL D 278 40.94 -24.12 18.15
CA VAL D 278 40.24 -25.26 18.73
C VAL D 278 41.26 -26.36 18.98
N SER D 279 40.92 -27.25 19.91
CA SER D 279 41.75 -28.42 20.19
C SER D 279 41.30 -29.56 19.27
N HIS D 280 42.03 -29.76 18.18
CA HIS D 280 41.73 -30.80 17.20
C HIS D 280 42.96 -30.98 16.33
N THR D 281 43.16 -32.21 15.86
CA THR D 281 44.26 -32.53 14.96
C THR D 281 43.69 -33.12 13.67
N GLY D 282 43.91 -32.42 12.57
CA GLY D 282 43.48 -32.91 11.27
C GLY D 282 42.46 -32.01 10.58
N ALA D 283 42.29 -32.20 9.27
CA ALA D 283 41.26 -31.47 8.56
C ALA D 283 39.89 -32.02 8.94
N TYR D 284 38.96 -31.13 9.28
CA TYR D 284 37.67 -31.60 9.78
C TYR D 284 36.58 -30.56 9.59
N PRO D 285 35.61 -30.83 8.74
CA PRO D 285 34.38 -30.01 8.74
C PRO D 285 33.54 -30.37 9.95
N LEU D 286 33.24 -29.35 10.78
CA LEU D 286 32.59 -29.60 12.06
C LEU D 286 31.14 -30.03 11.87
N VAL D 287 30.74 -31.08 12.60
CA VAL D 287 29.38 -31.60 12.56
C VAL D 287 28.61 -30.95 13.70
N VAL D 288 27.85 -29.90 13.38
CA VAL D 288 27.04 -29.21 14.38
C VAL D 288 25.67 -28.92 13.80
N PRO D 289 24.64 -28.86 14.67
CA PRO D 289 23.29 -28.64 14.17
C PRO D 289 23.13 -27.24 13.63
N PRO D 290 22.19 -27.03 12.69
CA PRO D 290 22.11 -25.72 12.01
C PRO D 290 21.64 -24.58 12.89
N ASN D 291 21.10 -24.85 14.07
CA ASN D 291 20.61 -23.80 14.96
C ASN D 291 21.60 -23.45 16.06
N GLY D 292 22.81 -24.01 16.02
CA GLY D 292 23.79 -23.70 17.04
C GLY D 292 24.49 -22.36 16.82
N HIS D 293 25.08 -21.85 17.90
CA HIS D 293 25.79 -20.58 17.82
C HIS D 293 26.78 -20.48 18.97
N PHE D 294 27.82 -19.70 18.76
CA PHE D 294 28.81 -19.44 19.80
C PHE D 294 28.26 -18.49 20.85
N ARG D 295 28.73 -18.68 22.08
CA ARG D 295 28.37 -17.86 23.23
C ARG D 295 29.63 -17.51 23.99
N PHE D 296 29.79 -16.24 24.33
CA PHE D 296 30.95 -15.83 25.12
C PHE D 296 30.80 -16.29 26.55
N ASP D 297 31.82 -17.00 27.05
CA ASP D 297 31.73 -17.61 28.38
C ASP D 297 32.53 -16.83 29.42
N SER D 298 33.82 -16.60 29.17
CA SER D 298 34.68 -15.94 30.15
C SER D 298 35.99 -15.51 29.50
N TRP D 299 36.72 -14.66 30.21
CA TRP D 299 38.05 -14.21 29.80
C TRP D 299 39.09 -15.12 30.44
N VAL D 300 39.95 -15.71 29.60
CA VAL D 300 41.02 -16.59 30.06
C VAL D 300 42.31 -16.16 29.37
N ASN D 301 43.43 -16.69 29.86
CA ASN D 301 44.70 -16.34 29.27
C ASN D 301 45.01 -17.25 28.09
N GLN D 302 46.14 -16.99 27.43
CA GLN D 302 46.51 -17.74 26.23
C GLN D 302 46.90 -19.18 26.52
N PHE D 303 47.13 -19.54 27.78
CA PHE D 303 47.54 -20.88 28.13
C PHE D 303 46.39 -21.75 28.59
N TYR D 304 45.14 -21.33 28.35
CA TYR D 304 43.99 -22.13 28.73
C TYR D 304 43.97 -23.42 27.93
N SER D 305 43.76 -24.55 28.62
CA SER D 305 43.73 -25.85 27.99
C SER D 305 42.29 -26.17 27.59
N LEU D 306 42.04 -26.24 26.29
CA LEU D 306 40.72 -26.51 25.77
C LEU D 306 40.35 -27.98 25.91
N ALA D 307 39.06 -28.23 26.12
CA ALA D 307 38.55 -29.58 25.99
C ALA D 307 38.66 -30.00 24.53
N PRO D 308 39.14 -31.20 24.23
CA PRO D 308 39.30 -31.61 22.83
C PRO D 308 37.97 -31.55 22.09
N MET D 309 38.02 -31.01 20.88
CA MET D 309 36.85 -30.90 20.02
C MET D 309 36.86 -32.00 18.96
C1 NAG E . -23.34 33.25 21.89
C2 NAG E . -23.39 33.02 20.38
C3 NAG E . -22.08 32.42 19.89
C4 NAG E . -20.88 33.21 20.40
C5 NAG E . -21.00 33.49 21.90
C6 NAG E . -19.93 34.41 22.43
C7 NAG E . -25.72 32.64 19.71
C8 NAG E . -26.75 31.61 19.34
N2 NAG E . -24.51 32.17 20.02
O1 NAG E . -24.49 33.90 22.31
O3 NAG E . -22.12 32.47 18.46
O4 NAG E . -19.68 32.49 20.17
O5 NAG E . -22.25 34.10 22.20
O6 NAG E . -19.71 34.17 23.81
O7 NAG E . -25.99 33.84 19.74
C1 GAL E . -21.58 31.27 17.86
C2 GAL E . -22.35 30.97 16.57
C3 GAL E . -21.79 29.74 15.84
C4 GAL E . -20.30 29.91 15.60
C5 GAL E . -19.60 30.29 16.92
C6 GAL E . -18.14 30.62 16.76
O2 GAL E . -23.73 30.75 16.83
O3 GAL E . -22.42 29.56 14.55
O4 GAL E . -20.06 30.92 14.61
O5 GAL E . -20.19 31.43 17.57
O6 GAL E . -17.57 30.91 18.05
C1 NAG F . -33.22 -6.22 28.73
C2 NAG F . -32.89 -6.53 27.29
C3 NAG F . -34.08 -6.22 26.39
C4 NAG F . -35.35 -6.88 26.92
C5 NAG F . -35.54 -6.58 28.41
C6 NAG F . -36.68 -7.38 29.02
C7 NAG F . -30.50 -6.35 26.74
C8 NAG F . -29.39 -5.45 26.28
N2 NAG F . -31.71 -5.80 26.85
O1 NAG F . -32.15 -6.61 29.53
O3 NAG F . -33.79 -6.71 25.09
O4 NAG F . -36.48 -6.36 26.22
O5 NAG F . -34.36 -6.94 29.12
O6 NAG F . -36.83 -7.12 30.41
O7 NAG F . -30.31 -7.54 27.00
C1 GAL F . -34.25 -5.81 24.07
C2 GAL F . -33.34 -5.96 22.83
C3 GAL F . -33.81 -5.12 21.63
C4 GAL F . -35.26 -5.45 21.30
C5 GAL F . -36.10 -5.32 22.57
C6 GAL F . -37.53 -5.76 22.39
O2 GAL F . -31.98 -5.64 23.13
O3 GAL F . -33.02 -5.40 20.47
O4 GAL F . -35.38 -6.79 20.78
O5 GAL F . -35.57 -6.12 23.70
O6 GAL F . -38.35 -5.25 23.45
C1 NAG G . 8.51 -9.98 -28.10
C2 NAG G . 8.42 -9.44 -26.70
C3 NAG G . 8.25 -10.60 -25.71
C4 NAG G . 7.06 -11.46 -26.11
C5 NAG G . 7.15 -11.87 -27.59
C6 NAG G . 5.88 -12.54 -28.09
C7 NAG G . 9.72 -7.35 -26.59
C8 NAG G . 11.04 -6.73 -26.21
N2 NAG G . 9.61 -8.67 -26.38
O1 NAG G . 8.61 -8.93 -29.01
O3 NAG G . 8.04 -10.05 -24.42
O4 NAG G . 7.01 -12.65 -25.32
O5 NAG G . 7.34 -10.72 -28.40
O6 NAG G . 6.08 -13.14 -29.37
O7 NAG G . 8.80 -6.69 -27.05
C1 GAL G . 8.68 -10.79 -23.37
C2 GAL G . 8.95 -9.82 -22.21
C3 GAL G . 9.59 -10.52 -21.00
C4 GAL G . 8.71 -11.69 -20.57
C5 GAL G . 8.38 -12.57 -21.77
C6 GAL G . 7.37 -13.65 -21.44
O2 GAL G . 9.81 -8.75 -22.59
O3 GAL G . 9.73 -9.61 -19.88
O4 GAL G . 7.51 -11.23 -19.93
O5 GAL G . 7.86 -11.84 -22.92
O6 GAL G . 7.27 -14.62 -22.50
C1 NAG H . 49.33 -18.01 -22.22
C2 NAG H . 48.90 -17.71 -20.78
C3 NAG H . 49.09 -16.23 -20.45
C4 NAG H . 50.45 -15.73 -20.90
C5 NAG H . 50.79 -16.19 -22.32
C6 NAG H . 52.19 -15.85 -22.75
C7 NAG H . 47.22 -19.39 -20.17
C8 NAG H . 45.75 -19.64 -19.94
N2 NAG H . 47.54 -18.14 -20.53
O1 NAG H . 49.32 -19.39 -22.44
O3 NAG H . 48.97 -16.09 -19.03
O4 NAG H . 50.46 -14.30 -20.89
O5 NAG H . 50.65 -17.61 -22.40
O6 NAG H . 53.16 -16.20 -21.77
O7 NAG H . 48.05 -20.27 -20.06
C1 GAL H . 48.06 -15.04 -18.65
C2 GAL H . 47.40 -15.44 -17.33
C3 GAL H . 46.50 -14.33 -16.77
C4 GAL H . 47.29 -13.02 -16.66
C5 GAL H . 47.94 -12.71 -18.01
C6 GAL H . 48.88 -11.53 -17.99
O2 GAL H . 46.58 -16.59 -17.51
O3 GAL H . 46.09 -14.64 -15.43
O4 GAL H . 48.29 -13.13 -15.66
O5 GAL H . 48.76 -13.81 -18.49
O6 GAL H . 49.83 -11.64 -19.09
#